data_7UY0
#
_entry.id   7UY0
#
_cell.length_a   49.430
_cell.length_b   112.090
_cell.length_c   213.730
_cell.angle_alpha   90.000
_cell.angle_beta   90.000
_cell.angle_gamma   90.000
#
_symmetry.space_group_name_H-M   'P 21 21 21'
#
loop_
_entity.id
_entity.type
_entity.pdbx_description
1 polymer 'Tyrosine-protein kinase Fgr'
2 polymer 'Tyrosine-protein kinase Fgr'
3 non-polymer GLYCEROL
4 non-polymer 7-[trans-4-(4-methylpiperazin-1-yl)cyclohexyl]-5-(4-phenoxyphenyl)-7H-pyrrolo[2,3-d]pyrimidin-4-amine
5 non-polymer 'CHLORIDE ION'
6 non-polymer 'PHOSPHATE ION'
7 water water
#
loop_
_entity_poly.entity_id
_entity_poly.type
_entity_poly.pdbx_seq_one_letter_code
_entity_poly.pdbx_strand_id
1 'polypeptide(L)'
;MGHHHHHHTLFIALYDYEARTEDDLTFTKGEKFHILNNTEGDWWEARSLSSGKTGCIPSNYVAPVDSIQAEEWYFGKIGR
KDAERQLLSPGNPQGAFLIRESETTKGAYSLSIRDWDQTRGDHVKHYKIRKLDMGGYYITTRVQFNSVQELVQHYMEVND
GLCNLLIAPCTIMKPQTLGLAKDAWEISRSSITLERRLGTGCFGDVWLGTWNGSTKVAVKTLKPGTMSPKAFLEEAQVMK
LLRHDKLVQLYAVVSEEPIYIVTEFMCHGSLLDFLKNPEGQDLRLPQLVDMAAQVAEGMAYMERMNYIHRDLRAANILVG
ERLACKIADFGLARLIKDDEYNPCQGSKFPIKWTAPEAALFGRFTIKSDVWSFGILLTELITKGRIPYPGMNKREVLEQV
EQGYHMPCPPGCPASLYEAMEQTWRLDPEERPTFEYLQSFLEDYFTSAEPQ(PTR)EEIP
;
A
2 'polypeptide(L)'
;MGHHHHHHTLFIALYDYEARTEDDLTFTKGEKFHILNNTEGDWWEARSLSSGKTGCIPSNYVAPVDSIQAEEWYFGKIGR
KDAERQLLSPGNPQGAFLIRESETTKGAYSLSIRDWDQTRGDHVKHYKIRKLDMGGYYITTRVQFNSVQELVQHYMEVND
GLCNLLIAPCTIMKPQTLGLAKDAWEISRSSITLERRLGTGCFGDVWLGTWNGSTKVAVKTLKPGTMSPKAFLEEAQVMK
LLRHDKLVQLYAVVSEEPIYIVTEFM(CME)HGSLLDFLKNPEGQDLRLPQLVDMAAQVAEGMAYMERMNYIHRDLRAAN
ILVGERLACKIADFGLARLIKDDEYNPCQGSKFPIKWTAPEAALFGRFTIKSDVWSFGILLTELITKGRIPYPGMNKREV
LEQVEQGYHMPCPPGCPASLYEAMEQTWRLDPEERPTFEYLQSFLEDYFTSAEPQ(PTR)EEIP
;
B
#
loop_
_chem_comp.id
_chem_comp.type
_chem_comp.name
_chem_comp.formula
CL non-polymer 'CHLORIDE ION' 'Cl -1'
GOL non-polymer GLYCEROL 'C3 H8 O3'
PO4 non-polymer 'PHOSPHATE ION' 'O4 P -3'
VSE non-polymer 7-[trans-4-(4-methylpiperazin-1-yl)cyclohexyl]-5-(4-phenoxyphenyl)-7H-pyrrolo[2,3-d]pyrimidin-4-amine 'C29 H34 N6 O'
#
# COMPACT_ATOMS: atom_id res chain seq x y z
N THR A 9 -6.88 -50.20 24.04
CA THR A 9 -8.02 -50.28 23.13
C THR A 9 -9.06 -49.21 23.47
N LEU A 10 -8.92 -48.60 24.64
CA LEU A 10 -9.82 -47.56 25.10
C LEU A 10 -9.14 -46.21 25.03
N PHE A 11 -9.80 -45.22 24.43
CA PHE A 11 -9.22 -43.91 24.20
C PHE A 11 -10.02 -42.82 24.91
N ILE A 12 -9.36 -41.68 25.15
CA ILE A 12 -9.99 -40.55 25.81
C ILE A 12 -9.69 -39.28 25.03
N ALA A 13 -10.69 -38.41 24.93
CA ALA A 13 -10.56 -37.15 24.20
C ALA A 13 -9.76 -36.16 25.02
N LEU A 14 -8.77 -35.54 24.37
CA LEU A 14 -7.97 -34.49 24.98
C LEU A 14 -8.60 -33.12 24.83
N TYR A 15 -9.43 -32.91 23.80
CA TYR A 15 -10.01 -31.61 23.53
C TYR A 15 -11.48 -31.76 23.17
N ASP A 16 -12.19 -30.64 23.18
CA ASP A 16 -13.55 -30.60 22.65
C ASP A 16 -13.51 -30.60 21.13
N TYR A 17 -14.63 -31.02 20.53
CA TYR A 17 -14.74 -31.05 19.08
C TYR A 17 -16.20 -31.03 18.70
N GLU A 18 -16.54 -30.22 17.70
CA GLU A 18 -17.91 -30.12 17.19
C GLU A 18 -17.95 -30.74 15.80
N ALA A 19 -18.97 -31.58 15.56
CA ALA A 19 -19.09 -32.27 14.29
C ALA A 19 -19.23 -31.26 13.14
N ARG A 20 -18.58 -31.58 12.02
CA ARG A 20 -18.62 -30.73 10.83
C ARG A 20 -19.42 -31.33 9.69
N THR A 21 -19.48 -32.66 9.60
CA THR A 21 -20.31 -33.34 8.63
C THR A 21 -21.42 -34.08 9.38
N GLU A 22 -22.05 -35.03 8.71
CA GLU A 22 -23.03 -35.89 9.37
C GLU A 22 -22.44 -37.25 9.74
N ASP A 23 -21.15 -37.47 9.45
CA ASP A 23 -20.49 -38.73 9.75
C ASP A 23 -19.59 -38.67 10.97
N ASP A 24 -19.25 -37.49 11.47
CA ASP A 24 -18.31 -37.39 12.57
C ASP A 24 -19.06 -37.16 13.89
N LEU A 25 -18.35 -37.37 14.99
CA LEU A 25 -18.95 -37.28 16.31
C LEU A 25 -18.62 -35.93 16.96
N THR A 26 -19.55 -35.46 17.76
CA THR A 26 -19.32 -34.35 18.68
C THR A 26 -19.00 -34.94 20.04
N PHE A 27 -17.89 -34.49 20.64
CA PHE A 27 -17.48 -35.02 21.93
C PHE A 27 -16.88 -33.91 22.79
N THR A 28 -16.71 -34.24 24.07
CA THR A 28 -16.16 -33.36 25.08
C THR A 28 -14.86 -33.95 25.60
N LYS A 29 -13.96 -33.08 26.03
CA LYS A 29 -12.74 -33.52 26.70
C LYS A 29 -13.11 -34.42 27.87
N GLY A 30 -12.44 -35.58 27.95
CA GLY A 30 -12.73 -36.56 28.97
C GLY A 30 -13.65 -37.68 28.52
N GLU A 31 -14.32 -37.53 27.37
CA GLU A 31 -15.15 -38.60 26.84
C GLU A 31 -14.27 -39.73 26.31
N LYS A 32 -14.74 -40.97 26.48
CA LYS A 32 -13.98 -42.14 26.10
C LYS A 32 -14.62 -42.86 24.92
N PHE A 33 -13.80 -43.63 24.21
CA PHE A 33 -14.16 -44.25 22.95
C PHE A 33 -13.53 -45.63 22.81
N HIS A 34 -14.22 -46.49 22.06
CA HIS A 34 -13.59 -47.63 21.41
C HIS A 34 -13.23 -47.23 19.98
N ILE A 35 -12.05 -47.65 19.52
CA ILE A 35 -11.59 -47.35 18.16
C ILE A 35 -11.87 -48.55 17.27
N LEU A 36 -12.56 -48.32 16.16
CA LEU A 36 -13.06 -49.38 15.28
C LEU A 36 -12.36 -49.46 13.94
N ASN A 37 -11.93 -48.33 13.38
CA ASN A 37 -11.28 -48.29 12.08
C ASN A 37 -10.20 -47.23 12.09
N ASN A 38 -8.97 -47.61 11.74
CA ASN A 38 -7.84 -46.68 11.70
C ASN A 38 -7.14 -46.72 10.35
N THR A 39 -7.85 -47.06 9.28
CA THR A 39 -7.24 -47.13 7.96
C THR A 39 -6.68 -45.77 7.54
N GLU A 40 -7.44 -44.70 7.75
CA GLU A 40 -6.92 -43.35 7.62
C GLU A 40 -6.33 -42.93 8.96
N GLY A 41 -5.06 -42.53 8.96
CA GLY A 41 -4.42 -42.14 10.19
C GLY A 41 -4.99 -40.87 10.78
N ASP A 42 -5.58 -40.02 9.96
CA ASP A 42 -6.02 -38.70 10.41
C ASP A 42 -7.40 -38.74 11.06
N TRP A 43 -8.26 -39.66 10.66
CA TRP A 43 -9.60 -39.76 11.20
C TRP A 43 -9.93 -41.22 11.47
N TRP A 44 -10.39 -41.52 12.68
CA TRP A 44 -10.69 -42.86 13.11
C TRP A 44 -12.19 -43.04 13.34
N GLU A 45 -12.72 -44.19 12.94
CA GLU A 45 -14.06 -44.57 13.38
C GLU A 45 -14.01 -44.93 14.85
N ALA A 46 -15.00 -44.47 15.62
CA ALA A 46 -15.00 -44.67 17.06
C ALA A 46 -16.42 -44.69 17.58
N ARG A 47 -16.60 -45.43 18.67
CA ARG A 47 -17.87 -45.50 19.38
CA ARG A 47 -17.88 -45.51 19.38
C ARG A 47 -17.71 -44.88 20.75
N SER A 48 -18.54 -43.89 21.06
CA SER A 48 -18.48 -43.21 22.35
C SER A 48 -19.02 -44.12 23.46
N LEU A 49 -18.29 -44.16 24.57
CA LEU A 49 -18.79 -44.86 25.75
C LEU A 49 -19.87 -44.07 26.47
N SER A 50 -19.98 -42.77 26.21
CA SER A 50 -20.99 -41.96 26.86
C SER A 50 -22.34 -42.09 26.16
N SER A 51 -22.34 -41.96 24.83
CA SER A 51 -23.58 -41.99 24.07
C SER A 51 -23.85 -43.31 23.38
N GLY A 52 -22.83 -44.15 23.19
CA GLY A 52 -23.00 -45.39 22.46
C GLY A 52 -23.05 -45.23 20.95
N LYS A 53 -22.95 -44.01 20.44
CA LYS A 53 -23.04 -43.77 19.01
C LYS A 53 -21.67 -43.89 18.35
N THR A 54 -21.69 -44.17 17.04
CA THR A 54 -20.49 -44.44 16.27
C THR A 54 -20.34 -43.37 15.19
N GLY A 55 -19.11 -42.90 15.02
CA GLY A 55 -18.78 -41.90 14.00
C GLY A 55 -17.28 -41.68 14.00
N CYS A 56 -16.82 -40.89 13.04
CA CYS A 56 -15.38 -40.70 13.00
C CYS A 56 -14.97 -39.44 13.77
N ILE A 57 -13.72 -39.47 14.20
CA ILE A 57 -13.15 -38.42 15.05
C ILE A 57 -11.73 -38.15 14.59
N PRO A 58 -11.24 -36.93 14.84
CA PRO A 58 -9.84 -36.63 14.53
C PRO A 58 -8.92 -37.40 15.46
N SER A 59 -8.01 -38.18 14.88
CA SER A 59 -7.20 -39.10 15.67
C SER A 59 -6.26 -38.37 16.61
N ASN A 60 -5.85 -37.14 16.27
CA ASN A 60 -4.94 -36.39 17.11
C ASN A 60 -5.64 -35.72 18.30
N TYR A 61 -6.95 -35.91 18.44
CA TYR A 61 -7.70 -35.41 19.57
C TYR A 61 -7.88 -36.44 20.69
N VAL A 62 -7.45 -37.68 20.47
CA VAL A 62 -7.63 -38.73 21.47
C VAL A 62 -6.28 -39.34 21.81
N ALA A 63 -6.24 -40.02 22.95
CA ALA A 63 -5.02 -40.69 23.41
C ALA A 63 -5.43 -41.88 24.26
N PRO A 64 -4.63 -42.95 24.30
CA PRO A 64 -4.95 -44.09 25.15
C PRO A 64 -5.16 -43.66 26.60
N VAL A 65 -6.23 -44.16 27.21
CA VAL A 65 -6.57 -43.75 28.57
C VAL A 65 -5.45 -44.19 29.52
N ASP A 66 -5.12 -43.31 30.47
CA ASP A 66 -4.09 -43.52 31.48
C ASP A 66 -2.67 -43.47 30.92
N SER A 67 -2.52 -43.38 29.59
CA SER A 67 -1.19 -43.34 29.01
C SER A 67 -0.56 -41.96 29.22
N ILE A 68 0.75 -41.88 28.98
CA ILE A 68 1.43 -40.61 29.16
C ILE A 68 0.99 -39.61 28.10
N GLN A 69 0.61 -40.10 26.91
CA GLN A 69 0.14 -39.22 25.84
C GLN A 69 -1.15 -38.50 26.19
N ALA A 70 -1.90 -38.99 27.17
CA ALA A 70 -3.14 -38.36 27.60
C ALA A 70 -2.94 -37.36 28.71
N GLU A 71 -1.72 -37.20 29.21
CA GLU A 71 -1.43 -36.25 30.26
C GLU A 71 -1.32 -34.85 29.68
N GLU A 72 -1.89 -33.87 30.40
CA GLU A 72 -1.88 -32.49 29.91
C GLU A 72 -0.46 -31.94 29.80
N TRP A 73 0.47 -32.45 30.58
CA TRP A 73 1.83 -31.94 30.59
C TRP A 73 2.73 -32.65 29.60
N TYR A 74 2.23 -33.62 28.84
CA TYR A 74 3.05 -34.39 27.92
C TYR A 74 2.90 -33.81 26.52
N PHE A 75 4.01 -33.38 25.93
CA PHE A 75 3.99 -32.75 24.62
C PHE A 75 4.71 -33.57 23.57
N GLY A 76 4.97 -34.85 23.84
CA GLY A 76 5.39 -35.75 22.78
C GLY A 76 6.76 -35.40 22.22
N LYS A 77 6.83 -35.34 20.88
CA LYS A 77 8.09 -35.12 20.18
C LYS A 77 8.33 -33.65 19.85
N ILE A 78 7.77 -32.73 20.63
CA ILE A 78 8.10 -31.32 20.46
C ILE A 78 9.60 -31.13 20.66
N GLY A 79 10.16 -30.16 19.97
CA GLY A 79 11.56 -29.89 20.12
C GLY A 79 11.87 -29.10 21.37
N ARG A 80 13.16 -29.08 21.73
CA ARG A 80 13.62 -28.22 22.82
C ARG A 80 13.30 -26.76 22.54
N LYS A 81 13.66 -26.27 21.35
CA LYS A 81 13.43 -24.87 21.02
C LYS A 81 11.94 -24.57 20.96
N ASP A 82 11.16 -25.49 20.40
CA ASP A 82 9.71 -25.28 20.38
C ASP A 82 9.14 -25.31 21.79
N ALA A 83 9.68 -26.17 22.66
CA ALA A 83 9.24 -26.19 24.05
C ALA A 83 9.52 -24.85 24.71
N GLU A 84 10.66 -24.24 24.42
CA GLU A 84 10.97 -22.94 25.00
C GLU A 84 10.03 -21.87 24.45
N ARG A 85 9.75 -21.91 23.14
CA ARG A 85 8.82 -20.96 22.55
C ARG A 85 7.44 -21.08 23.19
N GLN A 86 7.02 -22.30 23.50
CA GLN A 86 5.69 -22.49 24.07
C GLN A 86 5.67 -22.06 25.53
N LEU A 87 6.69 -22.44 26.31
CA LEU A 87 6.70 -22.13 27.74
C LEU A 87 6.85 -20.64 28.02
N LEU A 88 7.56 -19.91 27.16
CA LEU A 88 7.83 -18.50 27.37
C LEU A 88 6.75 -17.59 26.79
N SER A 89 5.60 -18.13 26.46
CA SER A 89 4.49 -17.33 25.96
C SER A 89 3.57 -16.93 27.12
N PRO A 90 2.77 -15.87 26.96
CA PRO A 90 1.91 -15.43 28.06
C PRO A 90 0.90 -16.48 28.48
N GLY A 91 0.47 -16.39 29.74
CA GLY A 91 -0.42 -17.37 30.31
C GLY A 91 0.29 -18.54 30.97
N ASN A 92 1.61 -18.58 30.92
CA ASN A 92 2.39 -19.60 31.62
C ASN A 92 3.08 -18.95 32.81
N PRO A 93 2.73 -19.29 34.04
CA PRO A 93 3.41 -18.72 35.20
C PRO A 93 4.78 -19.37 35.39
N GLN A 94 5.60 -18.75 36.22
CA GLN A 94 6.77 -19.43 36.74
C GLN A 94 6.37 -20.79 37.28
N GLY A 95 7.11 -21.82 36.90
CA GLY A 95 6.78 -23.18 37.26
C GLY A 95 5.93 -23.93 36.26
N ALA A 96 5.50 -23.27 35.18
CA ALA A 96 4.91 -23.97 34.04
C ALA A 96 5.92 -24.95 33.48
N PHE A 97 5.44 -26.14 33.09
CA PHE A 97 6.34 -27.21 32.69
C PHE A 97 5.70 -28.08 31.63
N LEU A 98 6.55 -28.87 30.98
CA LEU A 98 6.11 -29.92 30.05
C LEU A 98 7.12 -31.05 30.09
N ILE A 99 6.68 -32.22 29.62
CA ILE A 99 7.55 -33.37 29.40
C ILE A 99 7.57 -33.66 27.91
N ARG A 100 8.77 -33.95 27.39
CA ARG A 100 8.92 -34.24 25.97
C ARG A 100 9.91 -35.39 25.80
N GLU A 101 10.01 -35.90 24.58
CA GLU A 101 11.04 -36.88 24.25
C GLU A 101 12.40 -36.19 24.13
N SER A 102 13.44 -36.89 24.57
CA SER A 102 14.79 -36.32 24.49
C SER A 102 15.25 -36.25 23.05
N GLU A 103 15.93 -35.14 22.72
CA GLU A 103 16.51 -34.97 21.40
C GLU A 103 17.90 -35.57 21.27
N THR A 104 18.54 -35.92 22.38
CA THR A 104 19.92 -36.35 22.36
C THR A 104 20.16 -37.69 23.05
N THR A 105 19.15 -38.30 23.64
CA THR A 105 19.30 -39.60 24.28
C THR A 105 18.10 -40.46 23.92
N LYS A 106 18.33 -41.50 23.10
CA LYS A 106 17.26 -42.39 22.70
C LYS A 106 16.69 -43.10 23.92
N GLY A 107 15.36 -43.05 24.07
CA GLY A 107 14.68 -43.69 25.16
C GLY A 107 14.55 -42.85 26.42
N ALA A 108 15.16 -41.68 26.46
CA ALA A 108 15.06 -40.79 27.61
C ALA A 108 14.05 -39.67 27.32
N TYR A 109 13.75 -38.90 28.37
CA TYR A 109 12.80 -37.81 28.30
C TYR A 109 13.45 -36.53 28.79
N SER A 110 12.72 -35.43 28.63
CA SER A 110 13.18 -34.15 29.13
C SER A 110 12.03 -33.41 29.80
N LEU A 111 12.32 -32.82 30.95
CA LEU A 111 11.40 -31.97 31.67
C LEU A 111 11.83 -30.52 31.42
N SER A 112 10.93 -29.73 30.85
CA SER A 112 11.21 -28.33 30.57
C SER A 112 10.33 -27.46 31.46
N ILE A 113 10.93 -26.48 32.13
CA ILE A 113 10.20 -25.69 33.12
C ILE A 113 10.62 -24.22 33.01
N ARG A 114 9.64 -23.32 33.15
CA ARG A 114 9.89 -21.90 33.07
C ARG A 114 10.43 -21.37 34.39
N ASP A 115 11.50 -20.59 34.33
CA ASP A 115 12.20 -20.12 35.52
C ASP A 115 12.71 -18.71 35.29
N TRP A 116 13.27 -18.12 36.33
CA TRP A 116 13.83 -16.78 36.29
C TRP A 116 15.02 -16.72 37.23
N ASP A 117 16.10 -16.10 36.75
CA ASP A 117 17.20 -15.71 37.62
C ASP A 117 17.80 -14.44 37.07
N GLN A 118 18.80 -13.90 37.77
CA GLN A 118 19.31 -12.59 37.39
C GLN A 118 20.20 -12.63 36.16
N THR A 119 20.96 -13.71 35.97
CA THR A 119 21.83 -13.80 34.80
C THR A 119 21.01 -14.09 33.54
N ARG A 120 20.31 -15.22 33.51
CA ARG A 120 19.56 -15.61 32.32
C ARG A 120 18.21 -14.90 32.19
N GLY A 121 17.81 -14.12 33.17
CA GLY A 121 16.51 -13.45 33.09
C GLY A 121 15.39 -14.46 33.14
N ASP A 122 14.41 -14.29 32.25
CA ASP A 122 13.26 -15.16 32.15
C ASP A 122 13.57 -16.22 31.10
N HIS A 123 13.65 -17.49 31.51
CA HIS A 123 14.20 -18.51 30.64
C HIS A 123 13.54 -19.85 30.94
N VAL A 124 14.00 -20.90 30.27
CA VAL A 124 13.53 -22.26 30.50
C VAL A 124 14.71 -23.13 30.90
N LYS A 125 14.53 -23.93 31.95
CA LYS A 125 15.50 -24.93 32.33
C LYS A 125 15.04 -26.30 31.86
N HIS A 126 16.01 -27.14 31.50
CA HIS A 126 15.75 -28.48 30.99
C HIS A 126 16.44 -29.49 31.90
N TYR A 127 15.72 -30.56 32.21
CA TYR A 127 16.20 -31.62 33.08
C TYR A 127 16.11 -32.94 32.34
N LYS A 128 17.15 -33.74 32.43
CA LYS A 128 17.18 -35.04 31.76
C LYS A 128 16.46 -36.07 32.62
N ILE A 129 15.44 -36.71 32.07
CA ILE A 129 14.76 -37.82 32.72
C ILE A 129 15.32 -39.09 32.09
N ARG A 130 16.24 -39.75 32.79
CA ARG A 130 16.88 -40.95 32.29
C ARG A 130 16.18 -42.19 32.84
N LYS A 131 16.58 -43.34 32.31
CA LYS A 131 16.02 -44.63 32.71
C LYS A 131 17.16 -45.60 32.98
N LEU A 132 17.16 -46.20 34.17
CA LEU A 132 18.13 -47.25 34.45
C LEU A 132 17.79 -48.51 33.67
N ASP A 133 18.83 -49.20 33.21
CA ASP A 133 18.63 -50.46 32.49
C ASP A 133 17.94 -51.49 33.37
N MET A 134 18.27 -51.50 34.66
CA MET A 134 17.61 -52.40 35.59
C MET A 134 16.16 -51.99 35.82
N GLY A 135 15.89 -50.70 35.85
CA GLY A 135 14.55 -50.18 36.02
C GLY A 135 14.54 -48.89 36.82
N GLY A 136 13.58 -48.02 36.48
CA GLY A 136 13.38 -46.79 37.22
C GLY A 136 13.73 -45.52 36.46
N TYR A 137 12.76 -44.62 36.30
CA TYR A 137 13.00 -43.29 35.75
C TYR A 137 13.42 -42.34 36.87
N TYR A 138 14.29 -41.39 36.53
CA TYR A 138 14.85 -40.53 37.56
C TYR A 138 15.37 -39.24 36.92
N ILE A 139 15.22 -38.15 37.66
CA ILE A 139 16.01 -36.95 37.42
C ILE A 139 17.30 -36.98 38.23
N THR A 140 17.19 -37.25 39.53
CA THR A 140 18.32 -37.51 40.39
C THR A 140 18.29 -38.97 40.82
N THR A 141 19.46 -39.60 40.86
CA THR A 141 19.51 -41.02 41.23
C THR A 141 18.99 -41.27 42.64
N ARG A 142 18.92 -40.23 43.47
CA ARG A 142 18.39 -40.39 44.83
C ARG A 142 16.94 -40.86 44.82
N VAL A 143 16.13 -40.37 43.87
CA VAL A 143 14.73 -40.72 43.78
C VAL A 143 14.48 -41.41 42.45
N GLN A 144 13.80 -42.56 42.49
CA GLN A 144 13.48 -43.31 41.28
C GLN A 144 11.98 -43.64 41.26
N PHE A 145 11.46 -43.89 40.07
CA PHE A 145 10.03 -44.07 39.89
C PHE A 145 9.77 -45.13 38.83
N ASN A 146 8.60 -45.76 38.93
CA ASN A 146 8.23 -46.78 37.96
C ASN A 146 7.94 -46.19 36.58
N SER A 147 7.27 -45.04 36.54
CA SER A 147 6.91 -44.41 35.28
C SER A 147 7.19 -42.92 35.36
N VAL A 148 7.33 -42.30 34.19
CA VAL A 148 7.50 -40.85 34.13
C VAL A 148 6.30 -40.16 34.76
N GLN A 149 5.11 -40.75 34.62
CA GLN A 149 3.92 -40.19 35.25
C GLN A 149 4.09 -40.04 36.75
N GLU A 150 4.60 -41.09 37.41
CA GLU A 150 4.80 -41.04 38.86
C GLU A 150 5.87 -40.02 39.23
N LEU A 151 6.92 -39.92 38.42
CA LEU A 151 7.93 -38.89 38.62
C LEU A 151 7.30 -37.50 38.61
N VAL A 152 6.46 -37.24 37.60
CA VAL A 152 5.84 -35.92 37.49
C VAL A 152 4.92 -35.67 38.67
N GLN A 153 4.09 -36.66 39.01
CA GLN A 153 3.18 -36.51 40.14
C GLN A 153 3.93 -36.19 41.43
N HIS A 154 5.11 -36.79 41.60
CA HIS A 154 5.91 -36.50 42.79
C HIS A 154 6.44 -35.06 42.76
N TYR A 155 7.06 -34.65 41.65
CA TYR A 155 7.60 -33.30 41.58
C TYR A 155 6.52 -32.22 41.46
N MET A 156 5.26 -32.59 41.25
CA MET A 156 4.15 -31.65 41.39
C MET A 156 3.69 -31.49 42.84
N GLU A 157 4.00 -32.45 43.72
CA GLU A 157 3.55 -32.38 45.10
C GLU A 157 4.57 -31.74 46.03
N VAL A 158 5.85 -31.85 45.72
CA VAL A 158 6.90 -31.23 46.53
C VAL A 158 8.08 -30.93 45.63
N ASN A 159 8.75 -29.80 45.86
CA ASN A 159 9.93 -29.43 45.10
C ASN A 159 11.13 -30.20 45.66
N ASP A 160 11.36 -31.39 45.09
CA ASP A 160 12.44 -32.25 45.56
C ASP A 160 13.75 -31.94 44.80
N GLY A 161 14.19 -30.71 44.92
CA GLY A 161 15.49 -30.31 44.41
C GLY A 161 15.50 -29.65 43.05
N LEU A 162 14.35 -29.33 42.47
CA LEU A 162 14.34 -28.68 41.18
C LEU A 162 14.38 -27.16 41.37
N CYS A 163 14.37 -26.43 40.26
CA CYS A 163 14.35 -24.97 40.35
C CYS A 163 13.03 -24.44 40.89
N ASN A 164 11.96 -25.24 40.84
CA ASN A 164 10.65 -24.81 41.29
C ASN A 164 9.79 -26.06 41.45
N LEU A 165 8.62 -25.89 42.05
CA LEU A 165 7.56 -26.88 41.96
C LEU A 165 7.04 -26.96 40.54
N LEU A 166 6.58 -28.15 40.14
CA LEU A 166 5.91 -28.32 38.86
C LEU A 166 4.50 -27.78 39.01
N ILE A 167 4.33 -26.48 38.74
CA ILE A 167 3.15 -25.76 39.21
C ILE A 167 1.96 -25.99 38.30
N ALA A 168 2.14 -25.88 36.98
CA ALA A 168 1.01 -26.01 36.08
C ALA A 168 1.48 -26.55 34.74
N PRO A 169 0.71 -27.43 34.10
CA PRO A 169 1.05 -27.85 32.74
C PRO A 169 1.10 -26.66 31.79
N CYS A 170 2.04 -26.71 30.84
CA CYS A 170 2.20 -25.64 29.86
C CYS A 170 0.93 -25.51 29.03
N THR A 171 0.54 -24.27 28.75
CA THR A 171 -0.64 -24.02 27.93
C THR A 171 -0.37 -24.43 26.49
N ILE A 172 -1.41 -24.92 25.82
CA ILE A 172 -1.28 -25.39 24.45
C ILE A 172 -2.13 -24.51 23.54
N MET A 173 -1.66 -24.34 22.31
CA MET A 173 -2.42 -23.62 21.31
C MET A 173 -3.66 -24.41 20.92
N LYS A 174 -4.60 -23.73 20.27
CA LYS A 174 -5.85 -24.33 19.86
C LYS A 174 -5.58 -25.52 18.93
N PRO A 175 -6.00 -26.73 19.29
CA PRO A 175 -5.70 -27.88 18.45
C PRO A 175 -6.45 -27.81 17.12
N GLN A 176 -5.88 -28.48 16.11
CA GLN A 176 -6.48 -28.47 14.79
C GLN A 176 -6.47 -29.88 14.23
N THR A 177 -7.49 -30.19 13.43
CA THR A 177 -7.58 -31.48 12.80
C THR A 177 -6.65 -31.54 11.58
N LEU A 178 -6.28 -32.75 11.20
CA LEU A 178 -5.44 -32.99 10.03
C LEU A 178 -6.37 -33.25 8.85
N GLY A 179 -6.71 -32.19 8.13
CA GLY A 179 -7.75 -32.30 7.12
C GLY A 179 -9.09 -31.82 7.66
N LEU A 180 -9.96 -31.41 6.74
CA LEU A 180 -11.27 -30.91 7.15
C LEU A 180 -12.19 -32.05 7.58
N ALA A 181 -12.04 -33.22 6.96
CA ALA A 181 -12.90 -34.36 7.25
C ALA A 181 -12.20 -35.62 6.76
N LYS A 182 -12.77 -36.76 7.12
CA LYS A 182 -12.21 -38.05 6.74
C LYS A 182 -12.14 -38.18 5.22
N ASP A 183 -10.99 -38.62 4.72
CA ASP A 183 -10.80 -38.98 3.31
C ASP A 183 -11.28 -37.85 2.39
N ALA A 184 -10.88 -36.63 2.70
CA ALA A 184 -11.34 -35.44 1.99
C ALA A 184 -10.15 -34.55 1.67
N TRP A 185 -9.88 -34.37 0.38
CA TRP A 185 -8.79 -33.52 -0.09
C TRP A 185 -9.28 -32.61 -1.22
N GLU A 186 -9.90 -33.19 -2.25
CA GLU A 186 -10.49 -32.41 -3.32
C GLU A 186 -11.97 -32.21 -3.04
N ILE A 187 -12.39 -30.96 -2.93
CA ILE A 187 -13.75 -30.64 -2.51
C ILE A 187 -14.41 -29.80 -3.59
N SER A 188 -15.74 -29.81 -3.56
CA SER A 188 -16.49 -28.99 -4.49
C SER A 188 -16.45 -27.53 -4.07
N ARG A 189 -16.44 -26.65 -5.06
CA ARG A 189 -16.42 -25.20 -4.79
C ARG A 189 -17.62 -24.77 -3.96
N SER A 190 -18.74 -25.48 -4.07
CA SER A 190 -19.95 -25.08 -3.36
C SER A 190 -19.80 -25.27 -1.85
N SER A 191 -18.89 -26.14 -1.42
CA SER A 191 -18.66 -26.36 0.00
C SER A 191 -17.88 -25.24 0.65
N ILE A 192 -17.37 -24.29 -0.13
CA ILE A 192 -16.62 -23.16 0.39
C ILE A 192 -17.47 -21.91 0.25
N THR A 193 -17.44 -21.05 1.27
CA THR A 193 -18.10 -19.76 1.25
C THR A 193 -17.03 -18.68 1.46
N LEU A 194 -16.77 -17.88 0.43
CA LEU A 194 -15.82 -16.78 0.53
C LEU A 194 -16.49 -15.60 1.23
N GLU A 195 -15.93 -15.17 2.36
CA GLU A 195 -16.59 -14.18 3.19
C GLU A 195 -15.88 -12.83 3.20
N ARG A 196 -14.58 -12.78 3.42
CA ARG A 196 -13.87 -11.51 3.54
C ARG A 196 -12.56 -11.57 2.76
N ARG A 197 -12.40 -10.71 1.77
CA ARG A 197 -11.17 -10.68 1.00
C ARG A 197 -10.02 -10.17 1.87
N LEU A 198 -8.94 -10.95 1.94
CA LEU A 198 -7.78 -10.57 2.73
C LEU A 198 -6.74 -9.81 1.92
N GLY A 199 -6.69 -10.01 0.61
CA GLY A 199 -5.74 -9.28 -0.22
C GLY A 199 -5.83 -9.75 -1.67
N THR A 200 -5.14 -9.01 -2.53
CA THR A 200 -5.10 -9.31 -3.95
C THR A 200 -3.66 -9.39 -4.41
N GLY A 201 -3.32 -10.45 -5.15
CA GLY A 201 -2.01 -10.63 -5.71
C GLY A 201 -2.06 -10.69 -7.22
N CYS A 202 -0.87 -10.82 -7.82
CA CYS A 202 -0.80 -10.89 -9.28
C CYS A 202 -1.39 -12.19 -9.81
N PHE A 203 -1.39 -13.25 -9.00
CA PHE A 203 -1.90 -14.54 -9.42
C PHE A 203 -3.31 -14.83 -8.91
N GLY A 204 -3.87 -13.96 -8.07
CA GLY A 204 -5.22 -14.16 -7.60
C GLY A 204 -5.45 -13.49 -6.25
N ASP A 205 -6.45 -13.99 -5.55
CA ASP A 205 -6.95 -13.40 -4.31
C ASP A 205 -6.72 -14.35 -3.14
N VAL A 206 -6.84 -13.82 -1.93
CA VAL A 206 -6.90 -14.63 -0.72
C VAL A 206 -8.11 -14.18 0.08
N TRP A 207 -8.88 -15.14 0.57
CA TRP A 207 -10.13 -14.88 1.29
C TRP A 207 -10.13 -15.61 2.63
N LEU A 208 -10.79 -14.99 3.60
CA LEU A 208 -11.26 -15.68 4.78
C LEU A 208 -12.68 -16.18 4.51
N GLY A 209 -12.95 -17.41 4.94
CA GLY A 209 -14.28 -17.94 4.71
C GLY A 209 -14.52 -19.17 5.56
N THR A 210 -15.48 -19.98 5.13
CA THR A 210 -15.84 -21.17 5.87
C THR A 210 -15.95 -22.34 4.92
N TRP A 211 -15.83 -23.53 5.49
CA TRP A 211 -16.14 -24.79 4.84
C TRP A 211 -17.30 -25.44 5.58
N ASN A 212 -18.29 -25.92 4.84
CA ASN A 212 -19.54 -26.46 5.38
C ASN A 212 -20.21 -25.47 6.34
N GLY A 213 -20.01 -24.17 6.10
CA GLY A 213 -20.60 -23.14 6.94
C GLY A 213 -20.19 -23.19 8.40
N SER A 214 -19.21 -24.04 8.74
CA SER A 214 -18.85 -24.29 10.12
C SER A 214 -17.38 -24.08 10.42
N THR A 215 -16.49 -24.39 9.47
CA THR A 215 -15.06 -24.42 9.75
C THR A 215 -14.38 -23.21 9.13
N LYS A 216 -13.74 -22.39 9.95
CA LYS A 216 -13.04 -21.22 9.45
C LYS A 216 -11.82 -21.64 8.64
N VAL A 217 -11.71 -21.14 7.40
CA VAL A 217 -10.60 -21.47 6.52
C VAL A 217 -10.11 -20.21 5.81
N ALA A 218 -8.88 -20.27 5.29
CA ALA A 218 -8.40 -19.33 4.31
C ALA A 218 -8.38 -20.03 2.95
N VAL A 219 -8.65 -19.26 1.90
CA VAL A 219 -8.75 -19.79 0.55
C VAL A 219 -7.94 -18.87 -0.34
N LYS A 220 -6.84 -19.38 -0.91
CA LYS A 220 -6.16 -18.68 -1.99
C LYS A 220 -6.79 -19.13 -3.30
N THR A 221 -7.21 -18.17 -4.11
CA THR A 221 -7.85 -18.42 -5.39
C THR A 221 -6.94 -17.92 -6.49
N LEU A 222 -6.71 -18.76 -7.50
CA LEU A 222 -5.86 -18.42 -8.65
C LEU A 222 -6.70 -18.01 -9.84
N LYS A 223 -6.27 -16.94 -10.50
CA LYS A 223 -6.93 -16.48 -11.73
C LYS A 223 -6.87 -17.57 -12.78
N PRO A 224 -7.93 -17.74 -13.57
CA PRO A 224 -7.89 -18.72 -14.67
C PRO A 224 -6.69 -18.47 -15.58
N GLY A 225 -6.14 -19.56 -16.10
CA GLY A 225 -4.97 -19.50 -16.94
C GLY A 225 -3.64 -19.40 -16.22
N THR A 226 -3.65 -19.37 -14.88
CA THR A 226 -2.40 -19.29 -14.13
C THR A 226 -1.61 -20.59 -14.22
N MET A 227 -2.27 -21.74 -14.11
CA MET A 227 -1.57 -23.02 -14.15
C MET A 227 -2.56 -24.13 -14.51
N SER A 228 -2.00 -25.17 -15.11
CA SER A 228 -2.79 -26.34 -15.49
C SER A 228 -3.47 -26.95 -14.28
N PRO A 229 -4.80 -27.15 -14.31
CA PRO A 229 -5.45 -27.83 -13.18
C PRO A 229 -4.91 -29.23 -12.93
N LYS A 230 -4.57 -29.97 -13.99
CA LYS A 230 -4.03 -31.31 -13.81
C LYS A 230 -2.63 -31.25 -13.19
N ALA A 231 -1.77 -30.37 -13.70
CA ALA A 231 -0.46 -30.19 -13.10
C ALA A 231 -0.59 -29.73 -11.64
N PHE A 232 -1.48 -28.78 -11.38
CA PHE A 232 -1.74 -28.36 -10.00
C PHE A 232 -2.11 -29.55 -9.13
N LEU A 233 -3.01 -30.41 -9.61
CA LEU A 233 -3.45 -31.53 -8.80
C LEU A 233 -2.32 -32.49 -8.49
N GLU A 234 -1.50 -32.79 -9.50
CA GLU A 234 -0.39 -33.72 -9.29
C GLU A 234 0.62 -33.14 -8.31
N GLU A 235 0.83 -31.82 -8.36
CA GLU A 235 1.75 -31.23 -7.39
C GLU A 235 1.12 -31.15 -5.99
N ALA A 236 -0.19 -30.89 -5.92
CA ALA A 236 -0.84 -30.87 -4.61
C ALA A 236 -0.82 -32.24 -3.96
N GLN A 237 -0.86 -33.32 -4.75
CA GLN A 237 -0.70 -34.65 -4.17
C GLN A 237 0.62 -34.78 -3.45
N VAL A 238 1.68 -34.14 -3.95
CA VAL A 238 2.97 -34.18 -3.28
C VAL A 238 2.99 -33.24 -2.09
N MET A 239 2.44 -32.04 -2.25
CA MET A 239 2.38 -31.09 -1.15
C MET A 239 1.62 -31.66 0.04
N LYS A 240 0.53 -32.38 -0.24
CA LYS A 240 -0.26 -33.04 0.81
C LYS A 240 0.60 -33.89 1.72
N LEU A 241 1.68 -34.48 1.18
CA LEU A 241 2.59 -35.31 1.96
C LEU A 241 3.50 -34.50 2.88
N LEU A 242 3.75 -33.23 2.56
CA LEU A 242 4.56 -32.40 3.46
C LEU A 242 3.80 -32.11 4.74
N ARG A 243 4.39 -32.42 5.88
CA ARG A 243 3.74 -32.19 7.17
C ARG A 243 4.78 -31.78 8.20
N HIS A 244 4.66 -30.55 8.71
CA HIS A 244 5.64 -30.01 9.63
C HIS A 244 5.04 -28.78 10.29
N ASP A 245 5.48 -28.51 11.52
CA ASP A 245 4.90 -27.41 12.27
C ASP A 245 5.16 -26.05 11.62
N LYS A 246 6.26 -25.90 10.90
CA LYS A 246 6.65 -24.61 10.33
C LYS A 246 6.19 -24.43 8.88
N LEU A 247 5.39 -25.36 8.35
CA LEU A 247 4.73 -25.20 7.06
C LEU A 247 3.25 -24.97 7.28
N VAL A 248 2.66 -24.07 6.48
CA VAL A 248 1.23 -23.79 6.63
C VAL A 248 0.43 -25.03 6.25
N GLN A 249 -0.62 -25.31 7.01
CA GLN A 249 -1.33 -26.57 6.82
C GLN A 249 -2.31 -26.44 5.67
N LEU A 250 -2.15 -27.31 4.67
CA LEU A 250 -3.13 -27.45 3.60
C LEU A 250 -4.29 -28.32 4.05
N TYR A 251 -5.50 -27.82 3.90
CA TYR A 251 -6.70 -28.59 4.22
C TYR A 251 -7.23 -29.31 2.98
N ALA A 252 -7.38 -28.58 1.88
CA ALA A 252 -8.06 -29.09 0.71
C ALA A 252 -7.73 -28.21 -0.48
N VAL A 253 -8.16 -28.66 -1.67
CA VAL A 253 -7.98 -27.92 -2.91
C VAL A 253 -9.25 -28.06 -3.73
N VAL A 254 -9.49 -27.07 -4.59
CA VAL A 254 -10.45 -27.15 -5.67
C VAL A 254 -9.67 -27.01 -6.97
N SER A 255 -9.78 -28.00 -7.85
CA SER A 255 -8.96 -28.04 -9.06
C SER A 255 -9.57 -27.32 -10.25
N GLU A 256 -10.89 -27.30 -10.36
CA GLU A 256 -11.53 -26.56 -11.44
C GLU A 256 -11.17 -25.08 -11.34
N GLU A 257 -10.91 -24.46 -12.48
CA GLU A 257 -10.62 -23.03 -12.48
C GLU A 257 -11.86 -22.25 -12.06
N PRO A 258 -11.72 -21.22 -11.21
CA PRO A 258 -10.46 -20.83 -10.57
C PRO A 258 -10.05 -21.74 -9.41
N ILE A 259 -8.76 -22.10 -9.39
CA ILE A 259 -8.24 -23.03 -8.41
C ILE A 259 -8.36 -22.45 -7.00
N TYR A 260 -8.74 -23.29 -6.04
CA TYR A 260 -8.71 -22.97 -4.63
C TYR A 260 -7.65 -23.79 -3.93
N ILE A 261 -6.83 -23.14 -3.11
CA ILE A 261 -5.95 -23.78 -2.14
C ILE A 261 -6.49 -23.38 -0.77
N VAL A 262 -7.05 -24.33 -0.03
CA VAL A 262 -7.69 -24.06 1.25
C VAL A 262 -6.73 -24.45 2.37
N THR A 263 -6.47 -23.53 3.29
CA THR A 263 -5.50 -23.72 4.36
C THR A 263 -6.07 -23.20 5.67
N GLU A 264 -5.34 -23.43 6.75
CA GLU A 264 -5.64 -22.79 8.03
C GLU A 264 -5.47 -21.28 7.91
N PHE A 265 -6.17 -20.56 8.78
CA PHE A 265 -6.14 -19.11 8.80
C PHE A 265 -5.08 -18.61 9.80
N MET A 266 -4.16 -17.79 9.31
CA MET A 266 -3.10 -17.20 10.11
C MET A 266 -3.50 -15.77 10.48
N CYS A 267 -3.80 -15.54 11.76
CA CYS A 267 -4.49 -14.33 12.21
C CYS A 267 -3.65 -13.05 12.08
N HIS A 268 -2.35 -13.15 11.80
CA HIS A 268 -1.53 -11.96 11.64
C HIS A 268 -1.04 -11.75 10.22
N GLY A 269 -1.53 -12.54 9.26
CA GLY A 269 -1.19 -12.30 7.86
C GLY A 269 0.26 -12.64 7.54
N SER A 270 0.82 -11.88 6.61
CA SER A 270 2.18 -12.14 6.18
C SER A 270 3.19 -11.58 7.18
N LEU A 271 4.34 -12.24 7.24
CA LEU A 271 5.44 -11.72 8.06
C LEU A 271 5.84 -10.33 7.60
N LEU A 272 5.80 -10.08 6.29
CA LEU A 272 6.19 -8.78 5.75
C LEU A 272 5.27 -7.68 6.26
N ASP A 273 3.95 -7.92 6.24
CA ASP A 273 3.02 -6.94 6.78
C ASP A 273 3.15 -6.83 8.29
N PHE A 274 3.31 -7.97 8.97
CA PHE A 274 3.39 -7.96 10.43
C PHE A 274 4.59 -7.17 10.92
N LEU A 275 5.72 -7.24 10.21
CA LEU A 275 6.90 -6.51 10.64
C LEU A 275 6.74 -5.01 10.49
N LYS A 276 5.76 -4.56 9.72
CA LYS A 276 5.57 -3.13 9.50
C LYS A 276 4.51 -2.50 10.38
N ASN A 277 3.60 -3.30 10.96
CA ASN A 277 2.60 -2.75 11.87
C ASN A 277 3.22 -2.54 13.25
N PRO A 278 2.53 -1.83 14.16
CA PRO A 278 3.17 -1.48 15.44
C PRO A 278 3.74 -2.65 16.23
N GLU A 279 3.00 -3.77 16.32
CA GLU A 279 3.50 -4.90 17.11
C GLU A 279 4.81 -5.42 16.56
N GLY A 280 4.90 -5.61 15.24
CA GLY A 280 6.16 -6.04 14.66
C GLY A 280 7.27 -5.02 14.80
N GLN A 281 6.92 -3.73 14.80
CA GLN A 281 7.93 -2.71 14.99
C GLN A 281 8.51 -2.74 16.39
N ASP A 282 7.71 -3.16 17.38
CA ASP A 282 8.22 -3.32 18.73
C ASP A 282 9.10 -4.56 18.90
N LEU A 283 9.32 -5.35 17.86
CA LEU A 283 10.10 -6.57 17.99
C LEU A 283 11.58 -6.27 18.27
N ARG A 284 12.16 -7.03 19.18
CA ARG A 284 13.58 -6.93 19.47
C ARG A 284 14.36 -7.99 18.68
N LEU A 285 15.67 -7.77 18.57
CA LEU A 285 16.52 -8.66 17.80
C LEU A 285 16.39 -10.14 18.16
N PRO A 286 16.31 -10.54 19.44
CA PRO A 286 16.12 -11.97 19.72
C PRO A 286 14.87 -12.57 19.10
N GLN A 287 13.76 -11.84 19.13
CA GLN A 287 12.54 -12.34 18.51
C GLN A 287 12.71 -12.49 17.00
N LEU A 288 13.34 -11.51 16.36
CA LEU A 288 13.56 -11.59 14.92
C LEU A 288 14.42 -12.80 14.56
N VAL A 289 15.50 -13.02 15.32
CA VAL A 289 16.34 -14.18 15.05
C VAL A 289 15.59 -15.48 15.32
N ASP A 290 14.68 -15.49 16.30
CA ASP A 290 13.91 -16.71 16.54
C ASP A 290 12.93 -16.99 15.40
N MET A 291 12.31 -15.95 14.85
CA MET A 291 11.46 -16.18 13.68
C MET A 291 12.28 -16.68 12.49
N ALA A 292 13.46 -16.09 12.27
CA ALA A 292 14.38 -16.62 11.26
C ALA A 292 14.69 -18.09 11.51
N ALA A 293 14.89 -18.46 12.78
CA ALA A 293 15.18 -19.84 13.11
C ALA A 293 14.00 -20.75 12.80
N GLN A 294 12.77 -20.24 13.00
CA GLN A 294 11.58 -21.03 12.67
C GLN A 294 11.49 -21.28 11.17
N VAL A 295 11.71 -20.23 10.38
CA VAL A 295 11.71 -20.41 8.93
C VAL A 295 12.81 -21.37 8.51
N ALA A 296 14.00 -21.25 9.11
CA ALA A 296 15.08 -22.17 8.78
C ALA A 296 14.74 -23.60 9.19
N GLU A 297 13.97 -23.79 10.25
CA GLU A 297 13.56 -25.13 10.66
C GLU A 297 12.62 -25.75 9.63
N GLY A 298 11.60 -24.99 9.21
CA GLY A 298 10.75 -25.45 8.13
C GLY A 298 11.52 -25.75 6.86
N MET A 299 12.46 -24.88 6.49
CA MET A 299 13.21 -25.12 5.26
C MET A 299 14.17 -26.29 5.43
N ALA A 300 14.65 -26.55 6.64
CA ALA A 300 15.48 -27.74 6.85
C ALA A 300 14.64 -28.99 6.71
N TYR A 301 13.36 -28.92 7.11
CA TYR A 301 12.46 -30.02 6.84
C TYR A 301 12.30 -30.24 5.34
N MET A 302 12.10 -29.16 4.59
CA MET A 302 11.99 -29.30 3.13
C MET A 302 13.29 -29.84 2.52
N GLU A 303 14.43 -29.46 3.10
CA GLU A 303 15.72 -29.98 2.65
C GLU A 303 15.81 -31.49 2.87
N ARG A 304 15.40 -31.96 4.06
CA ARG A 304 15.34 -33.40 4.28
C ARG A 304 14.43 -34.08 3.27
N MET A 305 13.34 -33.43 2.89
CA MET A 305 12.43 -33.99 1.89
C MET A 305 12.88 -33.74 0.46
N ASN A 306 13.97 -32.98 0.28
CA ASN A 306 14.39 -32.49 -1.05
C ASN A 306 13.22 -31.91 -1.82
N TYR A 307 12.44 -31.06 -1.14
CA TYR A 307 11.35 -30.32 -1.76
C TYR A 307 11.79 -28.87 -1.89
N ILE A 308 11.66 -28.32 -3.08
CA ILE A 308 12.20 -27.00 -3.40
C ILE A 308 11.08 -25.97 -3.31
N HIS A 309 11.32 -24.90 -2.57
CA HIS A 309 10.29 -23.87 -2.40
C HIS A 309 10.09 -23.06 -3.68
N ARG A 310 11.15 -22.43 -4.18
CA ARG A 310 11.22 -21.60 -5.37
C ARG A 310 10.73 -20.16 -5.15
N ASP A 311 10.08 -19.85 -4.03
CA ASP A 311 9.45 -18.55 -3.84
C ASP A 311 9.54 -18.14 -2.37
N LEU A 312 10.69 -18.40 -1.75
CA LEU A 312 10.89 -18.15 -0.33
C LEU A 312 11.20 -16.67 -0.11
N ARG A 313 10.31 -15.98 0.60
CA ARG A 313 10.45 -14.56 0.88
C ARG A 313 9.43 -14.18 1.94
N ALA A 314 9.63 -13.01 2.55
CA ALA A 314 8.86 -12.63 3.73
C ALA A 314 7.37 -12.51 3.44
N ALA A 315 7.00 -12.16 2.21
CA ALA A 315 5.57 -12.11 1.88
C ALA A 315 4.94 -13.50 1.86
N ASN A 316 5.76 -14.56 1.79
CA ASN A 316 5.25 -15.93 1.77
C ASN A 316 5.50 -16.65 3.08
N ILE A 317 5.83 -15.92 4.14
CA ILE A 317 5.81 -16.42 5.51
C ILE A 317 4.57 -15.85 6.20
N LEU A 318 3.82 -16.70 6.89
CA LEU A 318 2.61 -16.29 7.60
C LEU A 318 2.82 -16.37 9.10
N VAL A 319 2.23 -15.44 9.84
CA VAL A 319 2.37 -15.32 11.28
C VAL A 319 1.03 -15.63 11.92
N GLY A 320 1.04 -16.52 12.91
CA GLY A 320 -0.19 -16.95 13.54
C GLY A 320 -0.22 -16.73 15.03
N GLU A 321 -1.01 -17.54 15.74
CA GLU A 321 -1.10 -17.44 17.19
C GLU A 321 0.28 -17.59 17.81
N ARG A 322 0.55 -16.81 18.87
CA ARG A 322 1.81 -16.84 19.59
C ARG A 322 2.98 -16.42 18.69
N LEU A 323 2.69 -15.70 17.62
CA LEU A 323 3.68 -15.24 16.65
C LEU A 323 4.45 -16.40 16.01
N ALA A 324 3.80 -17.56 15.90
CA ALA A 324 4.39 -18.69 15.21
C ALA A 324 4.46 -18.39 13.72
N CYS A 325 5.59 -18.74 13.10
CA CYS A 325 5.79 -18.51 11.67
C CYS A 325 5.61 -19.82 10.91
N LYS A 326 4.95 -19.73 9.76
CA LYS A 326 4.74 -20.90 8.91
C LYS A 326 5.01 -20.53 7.46
N ILE A 327 5.57 -21.46 6.71
CA ILE A 327 5.98 -21.23 5.34
C ILE A 327 4.81 -21.54 4.42
N ALA A 328 4.53 -20.61 3.50
CA ALA A 328 3.46 -20.74 2.53
C ALA A 328 4.00 -20.64 1.11
N ASP A 329 3.14 -20.98 0.15
CA ASP A 329 3.37 -20.72 -1.28
C ASP A 329 4.56 -21.49 -1.84
N PHE A 330 4.80 -22.69 -1.34
CA PHE A 330 5.92 -23.50 -1.80
C PHE A 330 5.50 -24.35 -3.00
N GLY A 331 6.47 -24.64 -3.86
CA GLY A 331 6.27 -25.57 -4.96
C GLY A 331 5.50 -25.04 -6.15
N LEU A 332 4.52 -24.16 -5.93
CA LEU A 332 3.60 -23.82 -7.01
C LEU A 332 4.19 -22.87 -8.04
N ALA A 333 5.24 -22.10 -7.72
CA ALA A 333 5.79 -21.19 -8.73
C ALA A 333 6.29 -21.95 -9.95
N ARG A 334 6.70 -23.21 -9.77
CA ARG A 334 7.18 -24.01 -10.89
C ARG A 334 6.12 -24.13 -11.98
N LEU A 335 4.85 -24.11 -11.62
CA LEU A 335 3.77 -24.42 -12.56
C LEU A 335 3.16 -23.18 -13.21
N ILE A 336 3.63 -21.99 -12.88
CA ILE A 336 3.00 -20.76 -13.37
C ILE A 336 3.35 -20.56 -14.85
N LYS A 337 2.31 -20.38 -15.66
CA LYS A 337 2.44 -20.29 -17.11
C LYS A 337 2.99 -18.93 -17.54
N ASP A 338 3.27 -18.81 -18.83
CA ASP A 338 3.83 -17.60 -19.41
C ASP A 338 2.74 -16.60 -19.78
N ASP A 339 3.16 -15.36 -20.01
CA ASP A 339 2.32 -14.36 -20.66
C ASP A 339 3.18 -13.60 -21.65
N GLU A 340 2.54 -12.71 -22.41
CA GLU A 340 3.23 -11.97 -23.46
C GLU A 340 4.01 -10.76 -22.94
N TYR A 341 3.93 -10.46 -21.65
CA TYR A 341 4.56 -9.29 -21.07
C TYR A 341 5.84 -9.60 -20.29
N ASN A 342 6.12 -10.89 -20.04
CA ASN A 342 7.25 -11.32 -19.21
C ASN A 342 8.13 -12.26 -20.02
N PRO A 343 9.41 -11.94 -20.25
CA PRO A 343 10.27 -12.85 -21.03
C PRO A 343 10.66 -14.12 -20.30
N CYS A 344 10.27 -14.29 -19.04
CA CYS A 344 10.64 -15.48 -18.28
C CYS A 344 9.94 -16.72 -18.84
N GLN A 345 10.72 -17.66 -19.33
CA GLN A 345 10.20 -18.89 -19.91
C GLN A 345 10.00 -19.94 -18.82
N GLY A 346 8.97 -20.76 -19.01
CA GLY A 346 8.70 -21.86 -18.11
C GLY A 346 8.39 -21.42 -16.70
N SER A 347 9.34 -21.66 -15.78
CA SER A 347 9.09 -21.43 -14.36
C SER A 347 9.32 -19.97 -14.02
N LYS A 348 8.32 -19.37 -13.38
CA LYS A 348 8.45 -18.01 -12.85
C LYS A 348 9.10 -18.05 -11.47
N PHE A 349 9.74 -16.94 -11.12
CA PHE A 349 10.50 -16.86 -9.89
C PHE A 349 10.58 -15.40 -9.45
N PRO A 350 10.66 -15.13 -8.16
CA PRO A 350 10.78 -13.73 -7.69
C PRO A 350 12.21 -13.23 -7.90
N ILE A 351 12.33 -12.24 -8.79
CA ILE A 351 13.65 -11.84 -9.32
C ILE A 351 14.63 -11.53 -8.20
N LYS A 352 14.23 -10.65 -7.29
CA LYS A 352 15.16 -10.15 -6.28
C LYS A 352 15.52 -11.20 -5.24
N TRP A 353 14.82 -12.33 -5.21
CA TRP A 353 15.08 -13.38 -4.23
C TRP A 353 15.75 -14.62 -4.82
N THR A 354 15.97 -14.68 -6.14
CA THR A 354 16.35 -15.92 -6.80
C THR A 354 17.84 -15.98 -7.11
N ALA A 355 18.46 -17.13 -6.82
CA ALA A 355 19.89 -17.32 -7.03
C ALA A 355 20.26 -17.20 -8.52
N PRO A 356 21.47 -16.72 -8.81
CA PRO A 356 21.86 -16.49 -10.23
C PRO A 356 21.75 -17.72 -11.10
N GLU A 357 22.20 -18.88 -10.63
CA GLU A 357 22.12 -20.08 -11.46
C GLU A 357 20.67 -20.52 -11.67
N ALA A 358 19.78 -20.23 -10.72
CA ALA A 358 18.37 -20.52 -10.93
C ALA A 358 17.72 -19.53 -11.89
N ALA A 359 17.99 -18.23 -11.70
CA ALA A 359 17.40 -17.22 -12.57
C ALA A 359 17.85 -17.37 -14.02
N LEU A 360 19.13 -17.69 -14.23
CA LEU A 360 19.69 -17.67 -15.58
C LEU A 360 19.68 -19.04 -16.26
N PHE A 361 19.94 -20.11 -15.52
CA PHE A 361 20.10 -21.44 -16.12
C PHE A 361 19.08 -22.43 -15.61
N GLY A 362 18.04 -21.97 -14.91
CA GLY A 362 16.94 -22.81 -14.51
C GLY A 362 17.26 -23.87 -13.48
N ARG A 363 18.43 -23.81 -12.85
CA ARG A 363 18.83 -24.81 -11.85
C ARG A 363 18.27 -24.41 -10.49
N PHE A 364 17.02 -24.80 -10.23
CA PHE A 364 16.42 -24.61 -8.92
C PHE A 364 16.75 -25.80 -8.04
N THR A 365 17.38 -25.53 -6.89
CA THR A 365 17.77 -26.55 -5.93
C THR A 365 17.48 -26.02 -4.53
N ILE A 366 17.79 -26.82 -3.51
CA ILE A 366 17.70 -26.34 -2.15
C ILE A 366 18.72 -25.22 -1.91
N LYS A 367 19.81 -25.18 -2.69
CA LYS A 367 20.82 -24.14 -2.49
C LYS A 367 20.34 -22.79 -3.01
N SER A 368 19.56 -22.78 -4.09
CA SER A 368 18.93 -21.54 -4.52
C SER A 368 17.91 -21.06 -3.48
N ASP A 369 17.20 -21.99 -2.82
CA ASP A 369 16.36 -21.61 -1.69
C ASP A 369 17.19 -21.02 -0.54
N VAL A 370 18.42 -21.52 -0.33
CA VAL A 370 19.31 -20.97 0.68
C VAL A 370 19.64 -19.51 0.36
N TRP A 371 19.98 -19.24 -0.91
CA TRP A 371 20.16 -17.85 -1.34
C TRP A 371 18.92 -17.01 -1.01
N SER A 372 17.75 -17.51 -1.41
CA SER A 372 16.49 -16.83 -1.09
C SER A 372 16.40 -16.54 0.40
N PHE A 373 16.78 -17.51 1.24
CA PHE A 373 16.68 -17.35 2.68
C PHE A 373 17.58 -16.22 3.15
N GLY A 374 18.76 -16.07 2.55
CA GLY A 374 19.58 -14.90 2.87
C GLY A 374 18.88 -13.59 2.55
N ILE A 375 18.22 -13.53 1.39
CA ILE A 375 17.47 -12.32 1.06
C ILE A 375 16.36 -12.08 2.07
N LEU A 376 15.64 -13.14 2.43
CA LEU A 376 14.59 -13.04 3.45
C LEU A 376 15.16 -12.53 4.77
N LEU A 377 16.37 -12.98 5.12
CA LEU A 377 17.03 -12.46 6.32
C LEU A 377 17.20 -10.95 6.24
N THR A 378 17.58 -10.43 5.08
CA THR A 378 17.65 -8.96 4.99
C THR A 378 16.28 -8.34 5.20
N GLU A 379 15.24 -8.94 4.62
CA GLU A 379 13.88 -8.47 4.84
C GLU A 379 13.53 -8.45 6.33
N LEU A 380 13.94 -9.50 7.05
CA LEU A 380 13.48 -9.71 8.42
C LEU A 380 14.24 -8.85 9.42
N ILE A 381 15.56 -8.74 9.26
CA ILE A 381 16.37 -7.97 10.20
C ILE A 381 16.05 -6.48 10.12
N THR A 382 15.61 -6.01 8.96
CA THR A 382 15.25 -4.59 8.78
C THR A 382 13.79 -4.32 9.04
N LYS A 383 13.00 -5.35 9.36
CA LYS A 383 11.57 -5.20 9.64
C LYS A 383 10.80 -4.70 8.42
N GLY A 384 11.09 -5.28 7.26
CA GLY A 384 10.26 -5.08 6.08
C GLY A 384 10.87 -4.33 4.92
N ARG A 385 12.16 -4.01 4.96
CA ARG A 385 12.76 -3.21 3.89
C ARG A 385 12.84 -4.02 2.59
N ILE A 386 12.64 -3.32 1.47
CA ILE A 386 12.71 -3.93 0.15
C ILE A 386 14.14 -4.37 -0.14
N PRO A 387 14.35 -5.54 -0.75
CA PRO A 387 15.73 -5.94 -1.08
C PRO A 387 16.30 -5.07 -2.18
N TYR A 388 17.63 -4.97 -2.19
CA TYR A 388 18.38 -4.19 -3.17
C TYR A 388 17.72 -2.82 -3.39
N PRO A 389 17.55 -2.02 -2.34
CA PRO A 389 16.83 -0.75 -2.51
C PRO A 389 17.56 0.16 -3.48
N GLY A 390 16.79 0.75 -4.39
CA GLY A 390 17.33 1.62 -5.41
C GLY A 390 17.54 0.96 -6.75
N MET A 391 17.54 -0.37 -6.79
CA MET A 391 17.78 -1.13 -8.01
C MET A 391 16.49 -1.74 -8.51
N ASN A 392 16.28 -1.72 -9.83
CA ASN A 392 15.15 -2.44 -10.39
C ASN A 392 15.58 -3.89 -10.65
N LYS A 393 14.63 -4.69 -11.14
CA LYS A 393 14.83 -6.14 -11.18
C LYS A 393 15.90 -6.53 -12.21
N ARG A 394 15.90 -5.85 -13.35
CA ARG A 394 16.92 -6.12 -14.37
C ARG A 394 18.32 -5.81 -13.84
N GLU A 395 18.47 -4.65 -13.19
CA GLU A 395 19.76 -4.29 -12.61
C GLU A 395 20.22 -5.33 -11.59
N VAL A 396 19.27 -5.84 -10.80
CA VAL A 396 19.60 -6.84 -9.80
C VAL A 396 20.13 -8.10 -10.46
N LEU A 397 19.45 -8.59 -11.51
CA LEU A 397 19.94 -9.77 -12.22
C LEU A 397 21.36 -9.52 -12.77
N GLU A 398 21.54 -8.39 -13.45
CA GLU A 398 22.85 -8.09 -14.03
C GLU A 398 23.95 -8.06 -12.98
N GLN A 399 23.69 -7.44 -11.82
CA GLN A 399 24.74 -7.30 -10.83
C GLN A 399 24.99 -8.59 -10.05
N VAL A 400 23.94 -9.33 -9.69
CA VAL A 400 24.19 -10.59 -8.98
C VAL A 400 24.84 -11.62 -9.89
N GLU A 401 24.67 -11.51 -11.21
CA GLU A 401 25.44 -12.35 -12.12
C GLU A 401 26.93 -12.05 -12.01
N GLN A 402 27.30 -10.79 -11.82
CA GLN A 402 28.69 -10.39 -11.72
C GLN A 402 29.27 -10.55 -10.32
N GLY A 403 28.50 -11.07 -9.36
CA GLY A 403 28.99 -11.28 -8.01
C GLY A 403 28.66 -10.19 -7.02
N TYR A 404 27.90 -9.18 -7.41
CA TYR A 404 27.42 -8.21 -6.44
C TYR A 404 26.37 -8.86 -5.55
N HIS A 405 26.42 -8.55 -4.24
CA HIS A 405 25.35 -8.89 -3.32
C HIS A 405 25.15 -7.72 -2.36
N MET A 406 24.07 -7.80 -1.57
CA MET A 406 23.67 -6.65 -0.77
C MET A 406 24.72 -6.35 0.31
N PRO A 407 24.99 -5.07 0.58
CA PRO A 407 25.82 -4.73 1.74
C PRO A 407 25.05 -5.01 3.03
N CYS A 408 25.76 -4.86 4.14
CA CYS A 408 25.17 -5.10 5.44
C CYS A 408 24.02 -4.12 5.70
N PRO A 409 22.82 -4.59 6.01
CA PRO A 409 21.70 -3.66 6.22
C PRO A 409 21.88 -2.92 7.54
N PRO A 410 21.29 -1.72 7.66
CA PRO A 410 21.45 -0.96 8.91
C PRO A 410 20.77 -1.69 10.06
N GLY A 411 21.53 -1.86 11.15
CA GLY A 411 21.02 -2.54 12.32
C GLY A 411 21.16 -4.05 12.29
N CYS A 412 22.00 -4.59 11.41
CA CYS A 412 22.22 -6.03 11.35
C CYS A 412 23.55 -6.38 11.98
N PRO A 413 23.59 -7.33 12.91
CA PRO A 413 24.87 -7.73 13.51
C PRO A 413 25.83 -8.29 12.47
N ALA A 414 27.11 -8.31 12.84
CA ALA A 414 28.14 -8.74 11.90
C ALA A 414 28.04 -10.23 11.62
N SER A 415 27.72 -11.03 12.63
CA SER A 415 27.64 -12.47 12.44
C SER A 415 26.48 -12.84 11.53
N LEU A 416 25.33 -12.18 11.71
CA LEU A 416 24.18 -12.42 10.85
C LEU A 416 24.51 -12.08 9.40
N TYR A 417 25.22 -10.96 9.19
CA TYR A 417 25.60 -10.60 7.82
C TYR A 417 26.62 -11.57 7.24
N GLU A 418 27.52 -12.10 8.08
CA GLU A 418 28.44 -13.12 7.61
C GLU A 418 27.68 -14.36 7.13
N ALA A 419 26.62 -14.73 7.86
CA ALA A 419 25.75 -15.81 7.41
C ALA A 419 25.09 -15.48 6.08
N MET A 420 24.56 -14.26 5.93
CA MET A 420 23.96 -13.86 4.66
C MET A 420 24.97 -14.00 3.51
N GLU A 421 26.18 -13.49 3.71
CA GLU A 421 27.20 -13.60 2.67
C GLU A 421 27.50 -15.06 2.36
N GLN A 422 27.47 -15.93 3.37
CA GLN A 422 27.64 -17.35 3.10
C GLN A 422 26.52 -17.87 2.21
N THR A 423 25.28 -17.42 2.45
CA THR A 423 24.19 -17.89 1.59
C THR A 423 24.25 -17.31 0.18
N TRP A 424 25.01 -16.23 -0.04
CA TRP A 424 25.09 -15.59 -1.35
C TRP A 424 26.37 -15.94 -2.12
N ARG A 425 26.99 -17.08 -1.84
CA ARG A 425 28.15 -17.49 -2.63
C ARG A 425 27.72 -17.95 -4.02
N LEU A 426 28.55 -17.66 -5.01
CA LEU A 426 28.17 -17.95 -6.39
C LEU A 426 28.15 -19.45 -6.68
N ASP A 427 29.03 -20.22 -6.04
CA ASP A 427 29.02 -21.66 -6.18
C ASP A 427 27.97 -22.22 -5.24
N PRO A 428 26.90 -22.82 -5.76
CA PRO A 428 25.82 -23.29 -4.87
C PRO A 428 26.28 -24.33 -3.86
N GLU A 429 27.32 -25.10 -4.18
CA GLU A 429 27.79 -26.12 -3.25
C GLU A 429 28.54 -25.52 -2.07
N GLU A 430 28.93 -24.25 -2.14
CA GLU A 430 29.61 -23.59 -1.03
C GLU A 430 28.65 -22.92 -0.06
N ARG A 431 27.37 -22.82 -0.40
CA ARG A 431 26.39 -22.25 0.51
C ARG A 431 26.07 -23.23 1.64
N PRO A 432 25.77 -22.74 2.83
CA PRO A 432 25.46 -23.63 3.95
C PRO A 432 24.15 -24.39 3.71
N THR A 433 23.98 -25.46 4.48
CA THR A 433 22.73 -26.20 4.48
C THR A 433 21.72 -25.50 5.38
N PHE A 434 20.44 -25.78 5.14
CA PHE A 434 19.41 -25.26 6.05
C PHE A 434 19.55 -25.86 7.45
N GLU A 435 20.08 -27.09 7.55
CA GLU A 435 20.37 -27.67 8.86
C GLU A 435 21.35 -26.78 9.62
N TYR A 436 22.42 -26.36 8.95
CA TYR A 436 23.38 -25.47 9.59
C TYR A 436 22.76 -24.14 9.95
N LEU A 437 21.98 -23.55 9.04
CA LEU A 437 21.39 -22.25 9.33
C LEU A 437 20.42 -22.32 10.51
N GLN A 438 19.63 -23.40 10.59
CA GLN A 438 18.75 -23.57 11.73
C GLN A 438 19.56 -23.66 13.02
N SER A 439 20.60 -24.50 13.03
CA SER A 439 21.40 -24.62 14.24
C SER A 439 22.04 -23.29 14.63
N PHE A 440 22.56 -22.57 13.63
CA PHE A 440 23.20 -21.27 13.89
C PHE A 440 22.20 -20.27 14.48
N LEU A 441 21.00 -20.17 13.90
CA LEU A 441 20.05 -19.16 14.35
C LEU A 441 19.44 -19.53 15.71
N GLU A 442 19.25 -20.81 15.98
CA GLU A 442 18.71 -21.20 17.29
C GLU A 442 19.71 -20.92 18.40
N ASP A 443 20.99 -21.23 18.18
CA ASP A 443 22.02 -21.02 19.18
C ASP A 443 22.68 -19.65 19.07
N TYR A 444 22.08 -18.71 18.34
CA TYR A 444 22.74 -17.44 18.08
C TYR A 444 22.96 -16.66 19.37
N PHE A 445 21.98 -16.66 20.27
CA PHE A 445 22.10 -15.93 21.53
C PHE A 445 22.42 -16.84 22.72
N THR A 446 21.87 -18.05 22.74
CA THR A 446 22.10 -18.98 23.84
C THR A 446 23.33 -19.83 23.52
N SER A 447 24.48 -19.16 23.49
CA SER A 447 25.73 -19.80 23.08
C SER A 447 26.48 -20.45 24.23
N ALA A 448 26.34 -19.95 25.46
CA ALA A 448 27.10 -20.42 26.60
C ALA A 448 26.27 -21.23 27.60
N GLU A 449 24.99 -21.47 27.32
CA GLU A 449 24.17 -22.22 28.25
C GLU A 449 24.63 -23.67 28.30
N PRO A 450 24.61 -24.31 29.46
CA PRO A 450 24.71 -25.77 29.51
C PRO A 450 23.38 -26.39 29.12
N GLN A 451 23.45 -27.47 28.35
CA GLN A 451 22.24 -28.10 27.81
C GLN A 451 21.25 -28.52 28.88
N PTR A 452 21.68 -29.41 29.77
CA PTR A 452 20.80 -29.90 30.82
C PTR A 452 21.33 -29.49 32.19
O PTR A 452 22.53 -29.47 32.42
CB PTR A 452 20.66 -31.41 30.72
CG PTR A 452 19.82 -31.88 29.56
CD1 PTR A 452 20.37 -32.02 28.29
CD2 PTR A 452 18.48 -32.20 29.73
CE1 PTR A 452 19.61 -32.46 27.23
CE2 PTR A 452 17.71 -32.65 28.67
CZ PTR A 452 18.27 -32.76 27.41
OH PTR A 452 17.55 -33.19 26.43
P PTR A 452 17.36 -32.38 25.05
O1P PTR A 452 16.13 -32.88 24.39
O2P PTR A 452 17.19 -30.88 25.38
O3P PTR A 452 18.59 -32.61 24.15
N GLU A 453 20.41 -29.19 33.10
CA GLU A 453 20.78 -28.76 34.45
C GLU A 453 21.44 -29.90 35.23
N GLU A 454 22.68 -29.69 35.66
CA GLU A 454 23.33 -30.67 36.52
C GLU A 454 22.65 -30.65 37.89
N ILE A 455 22.21 -31.82 38.35
CA ILE A 455 21.45 -31.90 39.59
C ILE A 455 21.69 -33.23 40.30
N PRO A 456 22.31 -33.22 41.49
CA PRO A 456 22.39 -34.41 42.34
C PRO A 456 21.40 -34.39 43.51
N THR B 9 -37.16 33.59 -15.42
CA THR B 9 -36.32 32.54 -15.97
C THR B 9 -35.75 32.96 -17.32
N LEU B 10 -35.16 34.14 -17.36
CA LEU B 10 -34.58 34.71 -18.59
C LEU B 10 -33.07 34.84 -18.41
N PHE B 11 -32.31 34.23 -19.31
CA PHE B 11 -30.85 34.17 -19.19
C PHE B 11 -30.19 34.69 -20.45
N ILE B 12 -28.88 34.93 -20.35
CA ILE B 12 -28.06 35.46 -21.44
C ILE B 12 -26.73 34.72 -21.44
N ALA B 13 -26.15 34.59 -22.64
CA ALA B 13 -24.91 33.84 -22.81
C ALA B 13 -23.70 34.71 -22.49
N LEU B 14 -22.81 34.18 -21.64
CA LEU B 14 -21.60 34.91 -21.28
C LEU B 14 -20.51 34.76 -22.33
N TYR B 15 -20.35 33.56 -22.89
CA TYR B 15 -19.30 33.27 -23.85
C TYR B 15 -19.91 32.58 -25.07
N ASP B 16 -19.09 32.41 -26.09
CA ASP B 16 -19.50 31.64 -27.26
C ASP B 16 -19.43 30.15 -26.95
N TYR B 17 -20.22 29.37 -27.71
CA TYR B 17 -20.20 27.92 -27.54
C TYR B 17 -20.65 27.27 -28.84
N GLU B 18 -19.81 26.42 -29.41
CA GLU B 18 -20.19 25.62 -30.56
C GLU B 18 -20.72 24.27 -30.09
N ALA B 19 -21.76 23.78 -30.76
CA ALA B 19 -22.36 22.51 -30.38
C ALA B 19 -21.41 21.36 -30.69
N ARG B 20 -21.40 20.37 -29.81
CA ARG B 20 -20.55 19.19 -29.96
C ARG B 20 -21.33 17.95 -30.37
N THR B 21 -22.49 17.72 -29.77
CA THR B 21 -23.36 16.64 -30.13
C THR B 21 -24.53 17.19 -30.97
N GLU B 22 -25.58 16.39 -31.13
CA GLU B 22 -26.77 16.81 -31.84
C GLU B 22 -27.85 17.35 -30.92
N ASP B 23 -27.68 17.21 -29.60
CA ASP B 23 -28.66 17.69 -28.63
C ASP B 23 -28.33 19.06 -28.07
N ASP B 24 -27.07 19.46 -28.10
CA ASP B 24 -26.69 20.78 -27.61
C ASP B 24 -26.87 21.81 -28.73
N LEU B 25 -27.07 23.06 -28.35
CA LEU B 25 -27.34 24.12 -29.30
C LEU B 25 -26.19 25.12 -29.28
N THR B 26 -25.85 25.64 -30.46
CA THR B 26 -24.78 26.61 -30.59
C THR B 26 -25.32 28.01 -30.29
N PHE B 27 -24.52 28.81 -29.59
CA PHE B 27 -24.95 30.15 -29.25
C PHE B 27 -23.75 31.08 -29.14
N THR B 28 -23.99 32.35 -29.44
CA THR B 28 -22.98 33.40 -29.38
C THR B 28 -23.15 34.21 -28.09
N LYS B 29 -22.04 34.83 -27.66
CA LYS B 29 -22.08 35.70 -26.50
C LYS B 29 -23.11 36.81 -26.69
N GLY B 30 -24.04 36.91 -25.75
CA GLY B 30 -25.11 37.89 -25.80
C GLY B 30 -26.47 37.31 -26.12
N GLU B 31 -26.53 36.12 -26.72
CA GLU B 31 -27.80 35.47 -27.01
C GLU B 31 -28.56 35.19 -25.73
N LYS B 32 -29.89 35.27 -25.81
CA LYS B 32 -30.75 35.10 -24.64
C LYS B 32 -31.58 33.83 -24.75
N PHE B 33 -32.00 33.33 -23.60
CA PHE B 33 -32.63 32.01 -23.49
C PHE B 33 -33.73 32.00 -22.44
N HIS B 34 -34.72 31.15 -22.67
CA HIS B 34 -35.65 30.70 -21.65
C HIS B 34 -35.19 29.34 -21.15
N ILE B 35 -35.04 29.20 -19.83
CA ILE B 35 -34.54 27.96 -19.25
C ILE B 35 -35.72 27.04 -18.97
N LEU B 36 -35.88 26.00 -19.79
CA LEU B 36 -37.00 25.08 -19.65
C LEU B 36 -36.77 24.08 -18.53
N ASN B 37 -35.56 23.53 -18.43
CA ASN B 37 -35.20 22.57 -17.39
C ASN B 37 -34.25 23.23 -16.40
N ASN B 38 -34.72 23.45 -15.18
CA ASN B 38 -33.90 23.98 -14.11
C ASN B 38 -33.19 22.90 -13.31
N THR B 39 -33.58 21.64 -13.48
CA THR B 39 -33.22 20.58 -12.53
C THR B 39 -31.72 20.26 -12.58
N GLU B 40 -31.23 19.83 -13.74
CA GLU B 40 -29.85 19.40 -13.87
C GLU B 40 -28.88 20.54 -13.54
N GLY B 41 -27.67 20.18 -13.16
CA GLY B 41 -26.70 21.15 -12.70
C GLY B 41 -25.68 21.58 -13.74
N ASP B 42 -25.06 20.61 -14.43
CA ASP B 42 -24.01 20.95 -15.37
C ASP B 42 -24.55 21.42 -16.72
N TRP B 43 -25.60 20.77 -17.22
CA TRP B 43 -26.18 21.10 -18.51
C TRP B 43 -27.66 21.41 -18.34
N TRP B 44 -28.11 22.52 -18.94
CA TRP B 44 -29.50 22.95 -18.84
C TRP B 44 -30.16 22.86 -20.20
N GLU B 45 -31.48 22.70 -20.18
CA GLU B 45 -32.28 22.68 -21.44
C GLU B 45 -32.89 24.07 -21.59
N ALA B 46 -32.57 24.78 -22.68
CA ALA B 46 -33.07 26.16 -22.86
C ALA B 46 -33.43 26.43 -24.32
N ARG B 47 -34.28 27.45 -24.55
CA ARG B 47 -34.71 27.85 -25.90
C ARG B 47 -34.14 29.24 -26.20
N SER B 48 -33.44 29.38 -27.33
CA SER B 48 -32.84 30.69 -27.70
C SER B 48 -33.96 31.68 -28.08
N LEU B 49 -33.86 32.93 -27.64
CA LEU B 49 -34.87 33.95 -28.04
C LEU B 49 -34.67 34.30 -29.52
N SER B 50 -33.42 34.48 -29.95
CA SER B 50 -33.10 34.88 -31.35
C SER B 50 -33.50 33.78 -32.35
N SER B 51 -33.19 32.52 -32.05
CA SER B 51 -33.52 31.39 -32.95
C SER B 51 -34.37 30.37 -32.19
N GLY B 52 -35.46 29.90 -32.81
CA GLY B 52 -36.44 29.00 -32.16
C GLY B 52 -35.90 27.65 -31.72
N LYS B 53 -34.81 27.16 -32.33
CA LYS B 53 -34.25 25.83 -31.98
C LYS B 53 -33.97 25.77 -30.46
N THR B 54 -34.36 24.65 -29.84
CA THR B 54 -34.16 24.42 -28.39
C THR B 54 -33.19 23.26 -28.19
N GLY B 55 -32.15 23.46 -27.38
CA GLY B 55 -31.15 22.41 -27.10
C GLY B 55 -30.46 22.63 -25.78
N CYS B 56 -29.77 21.61 -25.26
CA CYS B 56 -29.04 21.73 -23.97
C CYS B 56 -27.81 22.63 -24.15
N ILE B 57 -27.42 23.33 -23.09
CA ILE B 57 -26.28 24.24 -23.08
C ILE B 57 -25.50 24.05 -21.79
N PRO B 58 -24.21 24.38 -21.79
CA PRO B 58 -23.45 24.36 -20.54
C PRO B 58 -23.97 25.41 -19.59
N SER B 59 -24.29 25.00 -18.37
CA SER B 59 -24.97 25.89 -17.43
C SER B 59 -24.07 27.05 -17.00
N ASN B 60 -22.76 26.83 -16.93
CA ASN B 60 -21.82 27.88 -16.53
C ASN B 60 -21.53 28.88 -17.65
N TYR B 61 -22.19 28.77 -18.78
CA TYR B 61 -22.02 29.71 -19.89
C TYR B 61 -23.11 30.76 -19.96
N VAL B 62 -24.14 30.68 -19.12
CA VAL B 62 -25.23 31.65 -19.12
C VAL B 62 -25.38 32.23 -17.71
N ALA B 63 -26.15 33.31 -17.64
CA ALA B 63 -26.44 33.98 -16.38
C ALA B 63 -27.72 34.78 -16.55
N PRO B 64 -28.47 35.02 -15.47
CA PRO B 64 -29.68 35.84 -15.58
C PRO B 64 -29.36 37.23 -16.11
N VAL B 65 -30.22 37.74 -16.98
CA VAL B 65 -29.99 39.06 -17.57
C VAL B 65 -30.12 40.13 -16.50
N ASP B 66 -29.39 41.22 -16.68
CA ASP B 66 -29.38 42.37 -15.77
C ASP B 66 -28.81 42.03 -14.40
N SER B 67 -28.50 40.76 -14.15
CA SER B 67 -27.95 40.37 -12.86
C SER B 67 -26.46 40.66 -12.80
N ILE B 68 -25.92 40.59 -11.59
CA ILE B 68 -24.49 40.87 -11.42
C ILE B 68 -23.65 39.77 -12.04
N GLN B 69 -24.17 38.55 -12.13
CA GLN B 69 -23.41 37.47 -12.74
C GLN B 69 -23.21 37.70 -14.23
N ALA B 70 -24.10 38.47 -14.86
CA ALA B 70 -24.00 38.71 -16.29
C ALA B 70 -22.92 39.73 -16.66
N GLU B 71 -22.38 40.44 -15.68
CA GLU B 71 -21.45 41.52 -15.95
C GLU B 71 -20.05 40.98 -16.27
N GLU B 72 -19.40 41.61 -17.25
CA GLU B 72 -18.05 41.19 -17.66
C GLU B 72 -17.01 41.34 -16.56
N TRP B 73 -17.24 42.23 -15.59
CA TRP B 73 -16.27 42.43 -14.52
C TRP B 73 -16.55 41.60 -13.27
N TYR B 74 -17.67 40.88 -13.23
CA TYR B 74 -17.98 40.05 -12.07
C TYR B 74 -17.41 38.65 -12.26
N PHE B 75 -16.52 38.25 -11.35
CA PHE B 75 -15.81 36.97 -11.43
C PHE B 75 -16.20 36.01 -10.32
N GLY B 76 -17.28 36.29 -9.58
CA GLY B 76 -17.92 35.28 -8.76
C GLY B 76 -17.09 34.86 -7.56
N LYS B 77 -16.96 33.55 -7.38
CA LYS B 77 -16.24 32.97 -6.24
C LYS B 77 -14.76 32.73 -6.53
N ILE B 78 -14.15 33.52 -7.43
CA ILE B 78 -12.72 33.45 -7.61
C ILE B 78 -12.02 33.96 -6.36
N GLY B 79 -10.95 33.29 -5.96
CA GLY B 79 -10.22 33.71 -4.77
C GLY B 79 -9.38 34.94 -5.03
N ARG B 80 -8.82 35.46 -3.93
CA ARG B 80 -7.92 36.61 -4.05
C ARG B 80 -6.70 36.27 -4.89
N LYS B 81 -6.08 35.12 -4.62
CA LYS B 81 -4.81 34.80 -5.29
C LYS B 81 -5.04 34.47 -6.76
N ASP B 82 -6.14 33.77 -7.09
CA ASP B 82 -6.43 33.51 -8.50
C ASP B 82 -6.80 34.79 -9.24
N ALA B 83 -7.49 35.71 -8.56
CA ALA B 83 -7.81 36.99 -9.19
C ALA B 83 -6.53 37.79 -9.44
N GLU B 84 -5.59 37.73 -8.51
CA GLU B 84 -4.28 38.35 -8.73
C GLU B 84 -3.58 37.74 -9.94
N ARG B 85 -3.55 36.39 -10.01
CA ARG B 85 -2.90 35.72 -11.14
C ARG B 85 -3.53 36.10 -12.47
N GLN B 86 -4.86 36.21 -12.50
CA GLN B 86 -5.52 36.56 -13.76
C GLN B 86 -5.31 38.02 -14.11
N LEU B 87 -5.41 38.93 -13.14
CA LEU B 87 -5.25 40.34 -13.43
C LEU B 87 -3.85 40.67 -13.92
N LEU B 88 -2.84 39.93 -13.45
CA LEU B 88 -1.46 40.17 -13.85
C LEU B 88 -1.08 39.44 -15.14
N SER B 89 -2.06 38.91 -15.87
CA SER B 89 -1.80 38.26 -17.16
C SER B 89 -1.43 39.28 -18.22
N PRO B 90 -0.71 38.85 -19.27
CA PRO B 90 -0.15 39.83 -20.22
C PRO B 90 -1.18 40.69 -20.94
N GLY B 91 -2.41 40.22 -21.11
CA GLY B 91 -3.39 40.98 -21.86
C GLY B 91 -3.94 42.19 -21.14
N ASN B 92 -3.81 42.25 -19.82
CA ASN B 92 -4.57 43.28 -19.12
C ASN B 92 -3.76 44.55 -18.94
N PRO B 93 -4.39 45.70 -19.11
CA PRO B 93 -3.71 46.98 -18.91
C PRO B 93 -3.81 47.41 -17.45
N GLN B 94 -2.99 48.41 -17.11
CA GLN B 94 -3.08 48.98 -15.77
C GLN B 94 -4.49 49.55 -15.57
N GLY B 95 -5.01 49.40 -14.36
CA GLY B 95 -6.39 49.74 -14.10
C GLY B 95 -7.39 48.67 -14.49
N ALA B 96 -6.94 47.53 -15.03
CA ALA B 96 -7.84 46.41 -15.23
C ALA B 96 -8.39 45.94 -13.89
N PHE B 97 -9.64 45.49 -13.89
CA PHE B 97 -10.30 45.28 -12.61
C PHE B 97 -11.30 44.14 -12.70
N LEU B 98 -11.63 43.61 -11.52
CA LEU B 98 -12.71 42.64 -11.39
C LEU B 98 -13.34 42.79 -10.01
N ILE B 99 -14.57 42.29 -9.88
CA ILE B 99 -15.27 42.21 -8.61
C ILE B 99 -15.48 40.73 -8.29
N ARG B 100 -15.21 40.35 -7.05
CA ARG B 100 -15.35 38.97 -6.61
C ARG B 100 -16.05 38.94 -5.26
N GLU B 101 -16.50 37.75 -4.86
CA GLU B 101 -17.01 37.59 -3.51
C GLU B 101 -15.87 37.66 -2.50
N SER B 102 -16.15 38.24 -1.34
CA SER B 102 -15.12 38.43 -0.33
C SER B 102 -14.75 37.11 0.34
N GLU B 103 -13.45 36.90 0.55
CA GLU B 103 -13.00 35.73 1.30
C GLU B 103 -13.21 35.90 2.80
N THR B 104 -13.09 37.13 3.31
CA THR B 104 -13.04 37.37 4.74
C THR B 104 -14.35 37.82 5.36
N THR B 105 -15.25 38.46 4.59
CA THR B 105 -16.49 39.00 5.15
C THR B 105 -17.66 38.54 4.29
N LYS B 106 -18.44 37.60 4.80
CA LYS B 106 -19.56 37.05 4.04
C LYS B 106 -20.57 38.15 3.73
N GLY B 107 -21.09 38.12 2.50
CA GLY B 107 -21.99 39.16 2.03
C GLY B 107 -21.30 40.39 1.47
N ALA B 108 -20.00 40.54 1.69
CA ALA B 108 -19.26 41.64 1.10
C ALA B 108 -18.60 41.20 -0.20
N TYR B 109 -18.03 42.16 -0.92
CA TYR B 109 -17.33 41.89 -2.16
C TYR B 109 -15.95 42.53 -2.12
N SER B 110 -15.14 42.21 -3.12
CA SER B 110 -13.80 42.77 -3.27
C SER B 110 -13.65 43.31 -4.68
N LEU B 111 -13.08 44.51 -4.77
CA LEU B 111 -12.68 45.11 -6.03
C LEU B 111 -11.17 44.94 -6.18
N SER B 112 -10.75 44.20 -7.19
CA SER B 112 -9.34 43.92 -7.43
C SER B 112 -8.87 44.65 -8.68
N ILE B 113 -7.83 45.46 -8.56
CA ILE B 113 -7.38 46.34 -9.64
C ILE B 113 -5.90 46.11 -9.89
N ARG B 114 -5.52 45.97 -11.16
CA ARG B 114 -4.13 45.91 -11.53
C ARG B 114 -3.53 47.31 -11.49
N ASP B 115 -2.43 47.47 -10.76
CA ASP B 115 -1.79 48.76 -10.59
C ASP B 115 -0.29 48.59 -10.74
N TRP B 116 0.40 49.72 -10.88
CA TRP B 116 1.86 49.73 -11.00
C TRP B 116 2.43 50.88 -10.20
N ASP B 117 3.44 50.57 -9.38
CA ASP B 117 4.31 51.61 -8.83
C ASP B 117 5.75 51.13 -8.93
N GLN B 118 6.68 52.04 -8.66
CA GLN B 118 8.11 51.71 -8.79
C GLN B 118 8.64 50.89 -7.63
N THR B 119 7.86 50.69 -6.57
CA THR B 119 8.28 49.86 -5.44
C THR B 119 7.95 48.40 -5.70
N ARG B 120 6.65 48.07 -5.76
CA ARG B 120 6.21 46.70 -5.99
C ARG B 120 6.29 46.31 -7.45
N GLY B 121 6.40 47.27 -8.36
CA GLY B 121 6.29 46.97 -9.77
C GLY B 121 4.83 46.80 -10.15
N ASP B 122 4.55 45.73 -10.88
CA ASP B 122 3.17 45.33 -11.18
C ASP B 122 2.58 44.62 -9.98
N HIS B 123 1.36 45.00 -9.59
CA HIS B 123 0.73 44.35 -8.45
C HIS B 123 -0.78 44.54 -8.57
N VAL B 124 -1.49 44.05 -7.56
CA VAL B 124 -2.94 44.18 -7.50
C VAL B 124 -3.32 44.82 -6.17
N LYS B 125 -4.17 45.82 -6.23
CA LYS B 125 -4.78 46.44 -5.06
C LYS B 125 -6.18 45.88 -4.86
N HIS B 126 -6.56 45.68 -3.61
CA HIS B 126 -7.86 45.15 -3.25
C HIS B 126 -8.60 46.13 -2.37
N TYR B 127 -9.86 46.40 -2.71
CA TYR B 127 -10.73 47.29 -1.95
C TYR B 127 -11.92 46.48 -1.45
N LYS B 128 -12.30 46.72 -0.20
CA LYS B 128 -13.43 46.02 0.40
C LYS B 128 -14.71 46.78 0.08
N ILE B 129 -15.66 46.12 -0.56
CA ILE B 129 -16.97 46.70 -0.86
C ILE B 129 -17.95 46.07 0.13
N ARG B 130 -18.39 46.85 1.10
CA ARG B 130 -19.30 46.37 2.13
C ARG B 130 -20.69 46.93 1.91
N LYS B 131 -21.65 46.36 2.63
CA LYS B 131 -23.06 46.75 2.58
C LYS B 131 -23.45 47.30 3.94
N LEU B 132 -23.87 48.56 3.97
CA LEU B 132 -24.28 49.17 5.23
C LEU B 132 -25.59 48.59 5.71
N ASP B 133 -25.69 48.40 7.03
CA ASP B 133 -26.84 47.74 7.64
C ASP B 133 -28.17 48.30 7.11
N MET B 134 -28.31 49.63 7.13
CA MET B 134 -29.51 50.28 6.60
C MET B 134 -29.19 51.19 5.42
N GLY B 135 -27.99 51.10 4.86
CA GLY B 135 -27.64 51.90 3.71
C GLY B 135 -27.35 51.06 2.48
N GLY B 136 -26.39 51.48 1.67
CA GLY B 136 -26.07 50.75 0.46
C GLY B 136 -24.67 50.19 0.45
N TYR B 137 -24.18 49.84 -0.74
CA TYR B 137 -22.84 49.31 -0.90
C TYR B 137 -21.83 50.44 -1.04
N TYR B 138 -20.64 50.23 -0.48
CA TYR B 138 -19.65 51.30 -0.38
C TYR B 138 -18.25 50.74 -0.25
N ILE B 139 -17.28 51.54 -0.69
CA ILE B 139 -15.89 51.38 -0.30
C ILE B 139 -15.53 52.34 0.81
N THR B 140 -15.91 53.60 0.64
CA THR B 140 -15.92 54.59 1.70
C THR B 140 -17.36 54.93 2.06
N THR B 141 -17.61 55.12 3.37
CA THR B 141 -18.97 55.39 3.82
C THR B 141 -19.54 56.67 3.23
N ARG B 142 -18.66 57.56 2.75
CA ARG B 142 -19.12 58.85 2.18
C ARG B 142 -19.79 58.66 0.82
N VAL B 143 -19.53 57.53 0.14
CA VAL B 143 -20.08 57.27 -1.18
C VAL B 143 -20.75 55.91 -1.15
N GLN B 144 -22.08 55.89 -1.22
CA GLN B 144 -22.86 54.66 -1.15
C GLN B 144 -23.79 54.56 -2.36
N PHE B 145 -24.03 53.32 -2.79
CA PHE B 145 -25.01 53.04 -3.82
C PHE B 145 -25.82 51.80 -3.43
N ASN B 146 -27.01 51.68 -4.02
CA ASN B 146 -27.89 50.58 -3.67
C ASN B 146 -27.46 49.24 -4.28
N SER B 147 -26.58 49.24 -5.27
CA SER B 147 -26.14 48.01 -5.89
C SER B 147 -24.66 48.12 -6.27
N VAL B 148 -24.00 46.97 -6.33
CA VAL B 148 -22.59 46.93 -6.71
C VAL B 148 -22.41 47.34 -8.17
N GLN B 149 -23.37 47.02 -9.04
CA GLN B 149 -23.33 47.51 -10.41
C GLN B 149 -23.27 49.04 -10.45
N GLU B 150 -24.07 49.71 -9.62
CA GLU B 150 -24.05 51.16 -9.58
C GLU B 150 -22.72 51.70 -9.06
N LEU B 151 -22.17 51.06 -8.02
CA LEU B 151 -20.88 51.50 -7.49
C LEU B 151 -19.78 51.34 -8.53
N VAL B 152 -19.76 50.20 -9.22
CA VAL B 152 -18.76 49.97 -10.26
C VAL B 152 -18.92 50.98 -11.39
N GLN B 153 -20.17 51.28 -11.77
CA GLN B 153 -20.41 52.31 -12.78
C GLN B 153 -19.84 53.65 -12.34
N HIS B 154 -20.14 54.04 -11.11
CA HIS B 154 -19.62 55.30 -10.57
C HIS B 154 -18.11 55.35 -10.65
N TYR B 155 -17.44 54.29 -10.17
CA TYR B 155 -15.97 54.33 -10.17
C TYR B 155 -15.38 54.11 -11.55
N MET B 156 -16.19 53.69 -12.53
CA MET B 156 -15.76 53.75 -13.92
C MET B 156 -15.86 55.16 -14.48
N GLU B 157 -16.82 55.96 -14.00
CA GLU B 157 -17.03 57.29 -14.58
C GLU B 157 -16.18 58.38 -13.93
N VAL B 158 -15.93 58.31 -12.62
CA VAL B 158 -15.19 59.34 -11.91
C VAL B 158 -14.16 58.67 -11.01
N ASN B 159 -12.97 59.26 -10.92
CA ASN B 159 -11.86 58.69 -10.15
C ASN B 159 -12.26 58.46 -8.70
N ASP B 160 -12.51 59.53 -7.97
CA ASP B 160 -13.13 59.49 -6.64
C ASP B 160 -12.31 58.69 -5.63
N GLY B 161 -10.98 58.63 -5.80
CA GLY B 161 -10.11 58.17 -4.74
C GLY B 161 -9.53 56.78 -4.90
N LEU B 162 -9.87 56.05 -5.94
CA LEU B 162 -9.20 54.77 -6.13
C LEU B 162 -7.80 54.99 -6.69
N CYS B 163 -6.99 53.93 -6.65
CA CYS B 163 -5.65 53.99 -7.24
C CYS B 163 -5.70 54.29 -8.73
N ASN B 164 -6.85 54.08 -9.37
CA ASN B 164 -6.96 54.11 -10.81
C ASN B 164 -8.43 54.16 -11.18
N LEU B 165 -8.73 54.80 -12.29
CA LEU B 165 -10.08 54.74 -12.83
C LEU B 165 -10.36 53.33 -13.33
N LEU B 166 -11.59 52.87 -13.12
CA LEU B 166 -11.93 51.50 -13.51
C LEU B 166 -12.04 51.40 -15.01
N ILE B 167 -10.94 50.99 -15.66
CA ILE B 167 -10.80 51.08 -17.11
C ILE B 167 -11.47 49.88 -17.78
N ALA B 168 -10.77 48.75 -17.77
CA ALA B 168 -11.17 47.58 -18.53
C ALA B 168 -11.42 46.41 -17.59
N PRO B 169 -12.53 45.68 -17.76
CA PRO B 169 -12.70 44.44 -16.99
C PRO B 169 -11.56 43.49 -17.28
N CYS B 170 -11.26 42.64 -16.30
CA CYS B 170 -10.19 41.68 -16.46
C CYS B 170 -10.56 40.68 -17.57
N THR B 171 -9.57 40.34 -18.40
CA THR B 171 -9.78 39.34 -19.42
C THR B 171 -10.01 37.97 -18.79
N ILE B 172 -10.99 37.25 -19.30
CA ILE B 172 -11.28 35.91 -18.80
C ILE B 172 -10.54 34.91 -19.67
N MET B 173 -10.05 33.84 -19.06
CA MET B 173 -9.80 32.62 -19.80
C MET B 173 -11.16 31.97 -20.06
N LYS B 174 -11.48 31.72 -21.32
CA LYS B 174 -12.77 31.14 -21.65
C LYS B 174 -12.92 29.81 -20.91
N PRO B 175 -13.90 29.70 -20.00
CA PRO B 175 -13.97 28.49 -19.17
C PRO B 175 -14.41 27.29 -19.99
N GLN B 176 -14.17 26.12 -19.41
CA GLN B 176 -14.57 24.87 -20.03
C GLN B 176 -15.94 24.45 -19.51
N THR B 177 -16.58 23.56 -20.26
CA THR B 177 -17.80 22.96 -19.78
C THR B 177 -17.48 21.87 -18.76
N LEU B 178 -18.47 21.58 -17.93
CA LEU B 178 -18.31 20.51 -16.90
C LEU B 178 -18.69 19.20 -17.57
N GLY B 179 -17.75 18.62 -18.31
CA GLY B 179 -17.95 17.37 -19.06
C GLY B 179 -17.96 17.64 -20.54
N LEU B 180 -17.71 16.61 -21.34
CA LEU B 180 -17.73 16.76 -22.82
C LEU B 180 -19.14 17.06 -23.28
N ALA B 181 -20.12 16.39 -22.68
CA ALA B 181 -21.55 16.55 -22.99
C ALA B 181 -22.38 16.04 -21.81
N LYS B 182 -23.68 16.27 -21.84
CA LYS B 182 -24.53 15.85 -20.70
C LYS B 182 -24.41 14.35 -20.48
N ASP B 183 -24.20 13.94 -19.24
CA ASP B 183 -24.12 12.51 -18.87
C ASP B 183 -23.09 11.77 -19.73
N ALA B 184 -21.91 12.35 -19.96
CA ALA B 184 -20.91 11.64 -20.79
C ALA B 184 -19.67 11.37 -19.95
N TRP B 185 -19.34 10.09 -19.78
CA TRP B 185 -18.15 9.66 -19.00
C TRP B 185 -17.45 8.55 -19.77
N GLU B 186 -18.04 7.37 -19.80
CA GLU B 186 -17.48 6.22 -20.56
C GLU B 186 -17.91 6.42 -22.01
N ILE B 187 -16.95 6.46 -22.92
CA ILE B 187 -17.28 6.79 -24.34
C ILE B 187 -16.72 5.71 -25.25
N SER B 188 -17.34 5.57 -26.43
CA SER B 188 -16.87 4.54 -27.38
C SER B 188 -15.55 4.99 -27.98
N ARG B 189 -14.58 4.10 -27.99
CA ARG B 189 -13.30 4.45 -28.61
C ARG B 189 -13.50 5.12 -29.97
N SER B 190 -14.57 4.74 -30.68
CA SER B 190 -14.86 5.32 -31.98
C SER B 190 -15.02 6.84 -31.92
N SER B 191 -15.41 7.38 -30.77
CA SER B 191 -15.62 8.82 -30.65
C SER B 191 -14.31 9.60 -30.64
N ILE B 192 -13.20 8.95 -30.30
CA ILE B 192 -11.89 9.60 -30.19
C ILE B 192 -11.12 9.34 -31.47
N THR B 193 -10.49 10.38 -32.01
CA THR B 193 -9.62 10.28 -33.17
C THR B 193 -8.29 10.94 -32.83
N LEU B 194 -7.21 10.16 -32.91
CA LEU B 194 -5.88 10.62 -32.52
C LEU B 194 -5.20 11.31 -33.70
N GLU B 195 -4.74 12.55 -33.48
CA GLU B 195 -4.19 13.33 -34.58
C GLU B 195 -2.67 13.42 -34.51
N ARG B 196 -2.15 14.08 -33.47
CA ARG B 196 -0.73 14.26 -33.30
C ARG B 196 -0.28 13.54 -32.04
N ARG B 197 0.95 13.06 -32.03
CA ARG B 197 1.50 12.40 -30.84
C ARG B 197 2.37 13.39 -30.08
N LEU B 198 2.02 13.64 -28.82
CA LEU B 198 2.75 14.58 -27.99
C LEU B 198 3.97 13.95 -27.32
N GLY B 199 3.91 12.66 -27.02
CA GLY B 199 5.03 12.01 -26.36
C GLY B 199 4.75 10.54 -26.17
N THR B 200 5.84 9.79 -25.99
CA THR B 200 5.78 8.34 -25.79
C THR B 200 6.54 7.97 -24.53
N GLY B 201 5.99 7.00 -23.79
CA GLY B 201 6.62 6.51 -22.59
C GLY B 201 6.58 4.99 -22.54
N CYS B 202 7.09 4.44 -21.45
CA CYS B 202 7.07 3.00 -21.26
C CYS B 202 5.73 2.48 -20.75
N PHE B 203 4.79 3.37 -20.44
CA PHE B 203 3.44 2.98 -20.04
C PHE B 203 2.38 3.32 -21.06
N GLY B 204 2.74 4.01 -22.14
CA GLY B 204 1.79 4.35 -23.18
C GLY B 204 2.21 5.61 -23.90
N ASP B 205 1.23 6.24 -24.53
CA ASP B 205 1.45 7.44 -25.32
C ASP B 205 0.53 8.56 -24.81
N VAL B 206 0.80 9.78 -25.28
CA VAL B 206 -0.12 10.91 -25.11
C VAL B 206 -0.29 11.57 -26.46
N TRP B 207 -1.54 11.83 -26.83
CA TRP B 207 -1.90 12.36 -28.14
C TRP B 207 -2.73 13.62 -27.99
N LEU B 208 -2.60 14.49 -28.98
CA LEU B 208 -3.57 15.55 -29.23
C LEU B 208 -4.57 15.03 -30.25
N GLY B 209 -5.85 14.99 -29.87
CA GLY B 209 -6.88 14.51 -30.76
C GLY B 209 -8.19 15.24 -30.60
N THR B 210 -9.27 14.68 -31.15
CA THR B 210 -10.58 15.30 -31.06
C THR B 210 -11.62 14.28 -30.64
N TRP B 211 -12.61 14.75 -29.89
CA TRP B 211 -13.82 14.01 -29.58
C TRP B 211 -14.95 14.53 -30.46
N ASN B 212 -15.67 13.61 -31.11
CA ASN B 212 -16.72 13.94 -32.07
C ASN B 212 -16.21 14.85 -33.17
N GLY B 213 -14.95 14.67 -33.57
CA GLY B 213 -14.36 15.47 -34.62
C GLY B 213 -14.41 16.96 -34.45
N SER B 214 -14.68 17.44 -33.24
CA SER B 214 -14.83 18.87 -33.01
C SER B 214 -14.12 19.32 -31.75
N THR B 215 -14.24 18.54 -30.67
CA THR B 215 -13.71 18.97 -29.38
C THR B 215 -12.22 18.63 -29.30
N LYS B 216 -11.37 19.64 -29.15
CA LYS B 216 -9.94 19.42 -29.00
C LYS B 216 -9.65 18.85 -27.62
N VAL B 217 -9.03 17.67 -27.55
CA VAL B 217 -8.73 17.01 -26.28
C VAL B 217 -7.33 16.43 -26.32
N ALA B 218 -6.85 16.06 -25.14
CA ALA B 218 -5.63 15.26 -24.98
C ALA B 218 -6.05 13.87 -24.54
N VAL B 219 -5.32 12.86 -25.01
CA VAL B 219 -5.68 11.48 -24.72
C VAL B 219 -4.41 10.76 -24.30
N LYS B 220 -4.37 10.32 -23.05
CA LYS B 220 -3.31 9.44 -22.58
C LYS B 220 -3.76 8.01 -22.81
N THR B 221 -3.03 7.27 -23.64
CA THR B 221 -3.34 5.89 -23.96
C THR B 221 -2.38 4.97 -23.21
N LEU B 222 -2.93 3.95 -22.55
CA LEU B 222 -2.13 3.02 -21.75
C LEU B 222 -1.85 1.75 -22.54
N LYS B 223 -0.59 1.30 -22.51
CA LYS B 223 -0.22 0.06 -23.17
C LYS B 223 -0.98 -1.12 -22.54
N PRO B 224 -1.32 -2.13 -23.34
CA PRO B 224 -1.98 -3.31 -22.77
C PRO B 224 -1.11 -4.00 -21.73
N GLY B 225 -1.74 -4.40 -20.64
CA GLY B 225 -1.04 -5.00 -19.51
C GLY B 225 -0.53 -4.01 -18.48
N THR B 226 -0.60 -2.71 -18.77
CA THR B 226 -0.18 -1.71 -17.81
C THR B 226 -1.03 -1.75 -16.55
N MET B 227 -2.32 -2.05 -16.69
CA MET B 227 -3.29 -1.80 -15.63
C MET B 227 -4.51 -2.68 -15.86
N SER B 228 -5.12 -3.11 -14.77
CA SER B 228 -6.33 -3.94 -14.85
C SER B 228 -7.53 -3.08 -15.20
N PRO B 229 -8.28 -3.42 -16.26
CA PRO B 229 -9.41 -2.56 -16.65
C PRO B 229 -10.47 -2.40 -15.58
N LYS B 230 -10.77 -3.46 -14.82
CA LYS B 230 -11.74 -3.34 -13.73
C LYS B 230 -11.24 -2.37 -12.67
N ALA B 231 -9.98 -2.51 -12.27
CA ALA B 231 -9.39 -1.59 -11.30
C ALA B 231 -9.36 -0.17 -11.85
N PHE B 232 -9.06 -0.02 -13.15
CA PHE B 232 -9.04 1.31 -13.75
C PHE B 232 -10.42 1.95 -13.71
N LEU B 233 -11.47 1.19 -14.03
CA LEU B 233 -12.82 1.76 -14.00
C LEU B 233 -13.24 2.10 -12.57
N GLU B 234 -12.88 1.24 -11.62
CA GLU B 234 -13.20 1.51 -10.21
C GLU B 234 -12.51 2.78 -9.73
N GLU B 235 -11.25 2.99 -10.11
CA GLU B 235 -10.54 4.20 -9.68
C GLU B 235 -10.98 5.42 -10.47
N ALA B 236 -11.40 5.24 -11.73
CA ALA B 236 -11.90 6.37 -12.50
C ALA B 236 -13.21 6.88 -11.95
N GLN B 237 -14.03 6.00 -11.36
CA GLN B 237 -15.24 6.49 -10.70
C GLN B 237 -14.92 7.41 -9.52
N VAL B 238 -13.83 7.12 -8.80
CA VAL B 238 -13.41 8.01 -7.71
C VAL B 238 -12.82 9.30 -8.27
N MET B 239 -12.00 9.19 -9.32
CA MET B 239 -11.38 10.38 -9.91
C MET B 239 -12.41 11.31 -10.54
N LYS B 240 -13.55 10.77 -10.97
CA LYS B 240 -14.60 11.60 -11.55
C LYS B 240 -15.17 12.57 -10.51
N LEU B 241 -15.18 12.19 -9.23
CA LEU B 241 -15.67 13.08 -8.19
C LEU B 241 -14.75 14.27 -7.96
N LEU B 242 -13.43 14.08 -8.14
CA LEU B 242 -12.49 15.14 -7.90
C LEU B 242 -12.75 16.31 -8.84
N ARG B 243 -12.91 17.50 -8.27
CA ARG B 243 -13.22 18.70 -9.05
C ARG B 243 -12.45 19.87 -8.42
N HIS B 244 -11.38 20.30 -9.07
CA HIS B 244 -10.60 21.42 -8.58
C HIS B 244 -9.89 22.10 -9.73
N ASP B 245 -9.70 23.42 -9.58
CA ASP B 245 -9.09 24.21 -10.65
C ASP B 245 -7.63 23.80 -10.89
N LYS B 246 -6.97 23.25 -9.88
CA LYS B 246 -5.55 22.93 -9.98
C LYS B 246 -5.29 21.45 -10.27
N LEU B 247 -6.32 20.68 -10.62
CA LEU B 247 -6.14 19.35 -11.18
C LEU B 247 -6.59 19.38 -12.64
N VAL B 248 -5.88 18.64 -13.50
CA VAL B 248 -6.30 18.62 -14.90
C VAL B 248 -7.70 18.03 -14.98
N GLN B 249 -8.49 18.55 -15.91
CA GLN B 249 -9.88 18.15 -16.06
C GLN B 249 -9.96 16.82 -16.78
N LEU B 250 -10.54 15.82 -16.12
CA LEU B 250 -10.86 14.55 -16.75
C LEU B 250 -12.21 14.65 -17.45
N TYR B 251 -12.21 14.49 -18.78
CA TYR B 251 -13.44 14.53 -19.55
C TYR B 251 -14.09 13.16 -19.66
N ALA B 252 -13.34 12.14 -20.05
CA ALA B 252 -13.92 10.84 -20.37
C ALA B 252 -12.86 9.77 -20.31
N VAL B 253 -13.32 8.53 -20.21
CA VAL B 253 -12.44 7.36 -20.17
C VAL B 253 -12.95 6.32 -21.15
N VAL B 254 -12.04 5.49 -21.64
CA VAL B 254 -12.38 4.29 -22.39
C VAL B 254 -11.78 3.12 -21.62
N SER B 255 -12.64 2.25 -21.10
CA SER B 255 -12.22 1.24 -20.13
C SER B 255 -11.72 -0.05 -20.75
N GLU B 256 -11.72 -0.17 -22.08
CA GLU B 256 -11.20 -1.35 -22.75
C GLU B 256 -9.76 -1.07 -23.19
N GLU B 257 -8.90 -2.08 -23.05
CA GLU B 257 -7.51 -1.93 -23.45
C GLU B 257 -7.42 -1.76 -24.96
N PRO B 258 -6.63 -0.79 -25.46
CA PRO B 258 -5.81 0.15 -24.68
C PRO B 258 -6.64 1.24 -24.02
N ILE B 259 -6.38 1.48 -22.73
CA ILE B 259 -7.19 2.40 -21.96
C ILE B 259 -6.94 3.84 -22.40
N TYR B 260 -8.01 4.59 -22.63
CA TYR B 260 -7.93 6.01 -22.93
C TYR B 260 -8.31 6.82 -21.70
N ILE B 261 -7.51 7.83 -21.39
CA ILE B 261 -7.87 8.87 -20.43
C ILE B 261 -7.92 10.17 -21.22
N VAL B 262 -9.13 10.72 -21.36
CA VAL B 262 -9.36 11.93 -22.13
C VAL B 262 -9.39 13.10 -21.17
N THR B 263 -8.58 14.12 -21.44
CA THR B 263 -8.49 15.29 -20.57
C THR B 263 -8.44 16.53 -21.43
N GLU B 264 -8.50 17.68 -20.74
CA GLU B 264 -8.24 18.94 -21.42
C GLU B 264 -6.81 18.98 -21.94
N PHE B 265 -6.60 19.74 -23.00
CA PHE B 265 -5.27 19.90 -23.59
C PHE B 265 -4.56 21.09 -22.97
N MET B 266 -3.35 20.85 -22.47
CA MET B 266 -2.52 21.91 -21.89
C MET B 266 -1.45 22.33 -22.90
N CME B 267 -1.47 23.58 -23.31
CA CME B 267 -0.75 24.03 -24.49
CB CME B 267 -1.31 25.35 -25.04
SG CME B 267 -1.28 26.75 -23.96
SD CME B 267 -1.38 28.44 -25.25
CE CME B 267 -0.43 29.76 -24.58
CZ CME B 267 -1.27 30.91 -24.07
OH CME B 267 -0.38 31.78 -23.41
C CME B 267 0.76 24.17 -24.29
O CME B 267 1.54 24.32 -25.24
N HIS B 268 1.21 24.11 -23.04
CA HIS B 268 2.63 24.27 -22.75
C HIS B 268 3.31 22.98 -22.26
N GLY B 269 2.59 21.85 -22.34
CA GLY B 269 3.21 20.59 -21.99
C GLY B 269 3.47 20.48 -20.50
N SER B 270 4.51 19.72 -20.15
CA SER B 270 4.83 19.51 -18.76
C SER B 270 5.63 20.69 -18.20
N LEU B 271 5.58 20.82 -16.87
CA LEU B 271 6.34 21.87 -16.20
C LEU B 271 7.84 21.67 -16.39
N LEU B 272 8.31 20.41 -16.38
CA LEU B 272 9.73 20.14 -16.54
C LEU B 272 10.24 20.66 -17.89
N ASP B 273 9.56 20.28 -18.97
CA ASP B 273 9.92 20.76 -20.30
C ASP B 273 9.81 22.27 -20.39
N PHE B 274 8.76 22.85 -19.79
CA PHE B 274 8.57 24.29 -19.87
C PHE B 274 9.69 25.04 -19.15
N LEU B 275 10.15 24.50 -18.00
CA LEU B 275 11.27 25.12 -17.31
C LEU B 275 12.55 25.03 -18.13
N LYS B 276 12.77 23.91 -18.83
CA LYS B 276 13.98 23.79 -19.64
C LYS B 276 13.94 24.68 -20.88
N ASN B 277 12.74 25.02 -21.36
CA ASN B 277 12.58 25.76 -22.60
C ASN B 277 12.97 27.22 -22.40
N PRO B 278 13.14 27.98 -23.50
CA PRO B 278 13.57 29.39 -23.35
C PRO B 278 12.64 30.24 -22.51
N GLU B 279 11.32 30.11 -22.68
CA GLU B 279 10.40 30.94 -21.92
C GLU B 279 10.46 30.62 -20.42
N GLY B 280 10.59 29.35 -20.08
CA GLY B 280 10.73 28.98 -18.68
C GLY B 280 12.05 29.45 -18.08
N GLN B 281 13.12 29.43 -18.89
CA GLN B 281 14.41 29.93 -18.43
C GLN B 281 14.36 31.41 -18.08
N ASP B 282 13.39 32.15 -18.63
CA ASP B 282 13.24 33.58 -18.36
C ASP B 282 12.44 33.86 -17.08
N LEU B 283 11.95 32.83 -16.41
CA LEU B 283 11.09 33.04 -15.24
C LEU B 283 11.89 33.63 -14.09
N ARG B 284 11.24 34.52 -13.34
CA ARG B 284 11.82 35.08 -12.13
C ARG B 284 11.34 34.31 -10.92
N LEU B 285 11.96 34.60 -9.78
CA LEU B 285 11.64 33.89 -8.54
C LEU B 285 10.17 34.00 -8.15
N PRO B 286 9.51 35.17 -8.17
CA PRO B 286 8.10 35.22 -7.76
C PRO B 286 7.20 34.32 -8.59
N GLN B 287 7.46 34.19 -9.88
CA GLN B 287 6.61 33.35 -10.72
C GLN B 287 6.82 31.87 -10.41
N LEU B 288 8.09 31.47 -10.16
CA LEU B 288 8.36 30.09 -9.77
C LEU B 288 7.68 29.76 -8.44
N VAL B 289 7.72 30.70 -7.49
CA VAL B 289 7.09 30.48 -6.19
C VAL B 289 5.57 30.42 -6.34
N ASP B 290 5.01 31.22 -7.24
CA ASP B 290 3.56 31.17 -7.45
C ASP B 290 3.14 29.87 -8.13
N MET B 291 3.95 29.36 -9.04
CA MET B 291 3.65 28.05 -9.61
C MET B 291 3.68 26.96 -8.54
N ALA B 292 4.71 27.02 -7.68
CA ALA B 292 4.74 26.12 -6.52
C ALA B 292 3.47 26.26 -5.69
N ALA B 293 2.98 27.49 -5.54
CA ALA B 293 1.77 27.72 -4.74
C ALA B 293 0.56 27.08 -5.40
N GLN B 294 0.44 27.17 -6.71
CA GLN B 294 -0.67 26.52 -7.41
C GLN B 294 -0.64 25.02 -7.21
N VAL B 295 0.55 24.42 -7.35
CA VAL B 295 0.67 22.97 -7.13
C VAL B 295 0.32 22.61 -5.70
N ALA B 296 0.82 23.39 -4.73
CA ALA B 296 0.49 23.15 -3.33
C ALA B 296 -1.01 23.32 -3.07
N GLU B 297 -1.66 24.21 -3.79
CA GLU B 297 -3.10 24.38 -3.63
C GLU B 297 -3.84 23.14 -4.11
N GLY B 298 -3.47 22.64 -5.30
CA GLY B 298 -4.05 21.39 -5.75
C GLY B 298 -3.79 20.24 -4.79
N MET B 299 -2.58 20.19 -4.24
CA MET B 299 -2.25 19.14 -3.27
C MET B 299 -2.98 19.33 -1.95
N ALA B 300 -3.28 20.56 -1.56
CA ALA B 300 -4.08 20.76 -0.36
C ALA B 300 -5.51 20.29 -0.58
N TYR B 301 -6.02 20.49 -1.79
CA TYR B 301 -7.32 19.91 -2.13
C TYR B 301 -7.29 18.40 -2.02
N MET B 302 -6.29 17.76 -2.63
CA MET B 302 -6.18 16.31 -2.50
C MET B 302 -6.01 15.88 -1.05
N GLU B 303 -5.36 16.71 -0.23
CA GLU B 303 -5.23 16.43 1.19
C GLU B 303 -6.60 16.45 1.87
N ARG B 304 -7.44 17.45 1.57
CA ARG B 304 -8.77 17.49 2.16
C ARG B 304 -9.61 16.30 1.74
N MET B 305 -9.40 15.79 0.52
CA MET B 305 -10.12 14.62 0.05
C MET B 305 -9.49 13.31 0.51
N ASN B 306 -8.37 13.38 1.23
CA ASN B 306 -7.63 12.20 1.67
C ASN B 306 -7.30 11.28 0.48
N TYR B 307 -6.70 11.87 -0.55
CA TYR B 307 -6.37 11.19 -1.79
C TYR B 307 -4.87 11.35 -2.03
N ILE B 308 -4.16 10.23 -2.09
CA ILE B 308 -2.70 10.22 -2.25
C ILE B 308 -2.37 10.26 -3.73
N HIS B 309 -1.33 11.02 -4.09
CA HIS B 309 -0.91 11.11 -5.49
C HIS B 309 0.00 9.95 -5.88
N ARG B 310 1.07 9.72 -5.11
CA ARG B 310 2.07 8.66 -5.22
CA ARG B 310 2.06 8.66 -5.21
C ARG B 310 3.12 8.93 -6.29
N ASP B 311 3.00 10.00 -7.09
CA ASP B 311 3.97 10.24 -8.14
C ASP B 311 4.04 11.73 -8.47
N LEU B 312 4.20 12.56 -7.45
CA LEU B 312 4.25 14.01 -7.64
C LEU B 312 5.67 14.41 -8.03
N ARG B 313 5.80 15.06 -9.20
CA ARG B 313 7.07 15.55 -9.70
C ARG B 313 6.79 16.50 -10.85
N ALA B 314 7.80 17.28 -11.23
CA ALA B 314 7.60 18.33 -12.23
C ALA B 314 7.13 17.77 -13.57
N ALA B 315 7.54 16.55 -13.91
CA ALA B 315 7.09 15.95 -15.16
C ALA B 315 5.60 15.62 -15.14
N ASN B 316 4.98 15.55 -13.97
CA ASN B 316 3.55 15.30 -13.88
C ASN B 316 2.73 16.55 -13.54
N ILE B 317 3.33 17.74 -13.65
CA ILE B 317 2.59 18.99 -13.61
C ILE B 317 2.44 19.48 -15.05
N LEU B 318 1.23 19.90 -15.41
CA LEU B 318 0.98 20.43 -16.74
C LEU B 318 0.79 21.93 -16.67
N VAL B 319 1.25 22.62 -17.72
CA VAL B 319 1.17 24.07 -17.83
C VAL B 319 0.23 24.42 -18.98
N GLY B 320 -0.72 25.32 -18.72
CA GLY B 320 -1.64 25.75 -19.76
C GLY B 320 -1.51 27.22 -20.08
N GLU B 321 -2.55 27.84 -20.62
CA GLU B 321 -2.51 29.26 -20.90
C GLU B 321 -2.45 30.04 -19.59
N ARG B 322 -1.84 31.23 -19.64
CA ARG B 322 -1.56 32.06 -18.47
C ARG B 322 -0.52 31.40 -17.56
N LEU B 323 0.14 30.35 -18.03
CA LEU B 323 1.05 29.54 -17.21
C LEU B 323 0.35 28.98 -15.97
N ALA B 324 -0.93 28.67 -16.10
CA ALA B 324 -1.64 27.98 -15.04
C ALA B 324 -1.14 26.55 -14.92
N CYS B 325 -0.83 26.14 -13.69
CA CYS B 325 -0.31 24.82 -13.42
C CYS B 325 -1.43 23.93 -12.89
N LYS B 326 -1.47 22.70 -13.38
CA LYS B 326 -2.45 21.73 -12.92
C LYS B 326 -1.76 20.40 -12.66
N ILE B 327 -2.29 19.66 -11.69
CA ILE B 327 -1.70 18.40 -11.28
C ILE B 327 -2.30 17.29 -12.15
N ALA B 328 -1.44 16.40 -12.64
CA ALA B 328 -1.82 15.31 -13.52
C ALA B 328 -1.34 13.97 -12.95
N ASP B 329 -1.87 12.89 -13.50
CA ASP B 329 -1.44 11.52 -13.19
C ASP B 329 -1.69 11.14 -11.74
N PHE B 330 -2.64 11.80 -11.08
CA PHE B 330 -2.98 11.44 -9.72
C PHE B 330 -3.76 10.13 -9.66
N GLY B 331 -3.55 9.39 -8.57
CA GLY B 331 -4.34 8.22 -8.26
C GLY B 331 -4.15 7.03 -9.18
N LEU B 332 -3.33 7.15 -10.23
CA LEU B 332 -3.12 6.04 -11.15
C LEU B 332 -1.82 5.29 -10.90
N ALA B 333 -0.85 5.91 -10.21
CA ALA B 333 0.38 5.20 -9.88
C ALA B 333 0.10 3.97 -9.03
N ARG B 334 -0.98 4.00 -8.25
CA ARG B 334 -1.35 2.86 -7.43
C ARG B 334 -1.68 1.63 -8.28
N LEU B 335 -2.24 1.84 -9.47
CA LEU B 335 -2.77 0.75 -10.28
C LEU B 335 -1.78 0.17 -11.27
N ILE B 336 -0.59 0.74 -11.41
CA ILE B 336 0.38 0.23 -12.37
C ILE B 336 0.87 -1.14 -11.91
N LYS B 337 0.84 -2.11 -12.83
CA LYS B 337 1.13 -3.50 -12.47
C LYS B 337 2.64 -3.72 -12.37
N ASP B 338 3.11 -4.10 -11.19
CA ASP B 338 4.52 -4.44 -10.96
C ASP B 338 4.56 -5.59 -9.95
N ASP B 339 4.80 -6.80 -10.45
CA ASP B 339 4.93 -7.96 -9.59
C ASP B 339 6.39 -8.37 -9.49
N GLU B 340 6.69 -9.16 -8.45
CA GLU B 340 8.06 -9.57 -8.18
C GLU B 340 8.61 -10.60 -9.17
N TYR B 341 7.79 -11.08 -10.11
CA TYR B 341 8.17 -12.17 -11.00
C TYR B 341 8.50 -11.72 -12.42
N ASN B 342 8.30 -10.44 -12.73
CA ASN B 342 8.55 -9.93 -14.07
C ASN B 342 9.74 -8.99 -14.04
N PRO B 343 10.83 -9.28 -14.76
CA PRO B 343 12.00 -8.40 -14.70
C PRO B 343 11.88 -7.14 -15.54
N CYS B 344 10.94 -7.08 -16.47
CA CYS B 344 10.78 -5.89 -17.29
C CYS B 344 9.89 -4.83 -16.66
N GLN B 345 9.25 -5.14 -15.54
CA GLN B 345 8.41 -4.17 -14.86
C GLN B 345 9.20 -3.43 -13.78
N GLY B 346 8.63 -2.30 -13.34
CA GLY B 346 9.22 -1.55 -12.25
C GLY B 346 10.57 -0.94 -12.55
N SER B 347 10.85 -0.65 -13.81
CA SER B 347 12.16 -0.12 -14.18
C SER B 347 12.25 1.40 -13.98
N LYS B 348 11.13 2.10 -14.08
CA LYS B 348 11.15 3.56 -14.05
C LYS B 348 10.45 4.11 -12.82
N PHE B 349 10.82 3.62 -11.65
CA PHE B 349 10.28 4.18 -10.42
C PHE B 349 10.98 5.51 -10.11
N PRO B 350 10.23 6.55 -9.75
CA PRO B 350 10.84 7.85 -9.43
C PRO B 350 11.44 7.87 -8.04
N ILE B 351 12.53 7.12 -7.87
CA ILE B 351 13.18 6.96 -6.56
C ILE B 351 13.61 8.31 -5.99
N LYS B 352 14.20 9.15 -6.83
CA LYS B 352 14.72 10.44 -6.35
C LYS B 352 13.63 11.33 -5.78
N TRP B 353 12.36 11.11 -6.12
CA TRP B 353 11.25 11.91 -5.64
C TRP B 353 10.46 11.24 -4.52
N THR B 354 10.90 10.08 -4.05
CA THR B 354 10.09 9.25 -3.16
C THR B 354 10.62 9.33 -1.74
N ALA B 355 9.72 9.53 -0.78
CA ALA B 355 10.14 9.56 0.61
C ALA B 355 10.74 8.20 0.98
N PRO B 356 11.74 8.19 1.86
CA PRO B 356 12.41 6.92 2.18
C PRO B 356 11.48 5.83 2.69
N GLU B 357 10.54 6.18 3.57
CA GLU B 357 9.62 5.17 4.08
C GLU B 357 8.69 4.61 3.01
N ALA B 358 8.44 5.35 1.93
CA ALA B 358 7.62 4.81 0.86
C ALA B 358 8.43 3.96 -0.10
N ALA B 359 9.68 4.35 -0.37
CA ALA B 359 10.50 3.57 -1.28
C ALA B 359 11.04 2.30 -0.63
N LEU B 360 11.17 2.29 0.69
CA LEU B 360 11.79 1.18 1.40
C LEU B 360 10.78 0.24 2.03
N PHE B 361 9.68 0.76 2.57
CA PHE B 361 8.68 -0.05 3.23
C PHE B 361 7.30 0.05 2.61
N GLY B 362 7.17 0.73 1.48
CA GLY B 362 5.87 0.90 0.85
C GLY B 362 4.85 1.73 1.63
N ARG B 363 5.30 2.61 2.53
CA ARG B 363 4.36 3.47 3.26
C ARG B 363 4.12 4.73 2.44
N PHE B 364 3.14 4.67 1.56
CA PHE B 364 2.70 5.83 0.79
C PHE B 364 1.58 6.54 1.54
N THR B 365 1.81 7.79 1.90
CA THR B 365 0.82 8.63 2.57
C THR B 365 0.81 10.00 1.90
N ILE B 366 0.00 10.91 2.46
CA ILE B 366 0.06 12.30 2.01
C ILE B 366 1.40 12.92 2.39
N LYS B 367 2.05 12.41 3.42
CA LYS B 367 3.34 12.94 3.85
C LYS B 367 4.45 12.59 2.87
N SER B 368 4.41 11.38 2.30
CA SER B 368 5.37 11.06 1.24
C SER B 368 5.15 11.95 0.02
N ASP B 369 3.89 12.33 -0.26
CA ASP B 369 3.64 13.33 -1.29
C ASP B 369 4.26 14.68 -0.91
N VAL B 370 4.25 15.03 0.39
CA VAL B 370 4.92 16.25 0.83
C VAL B 370 6.41 16.20 0.51
N TRP B 371 7.06 15.08 0.83
CA TRP B 371 8.46 14.86 0.46
C TRP B 371 8.66 15.08 -1.05
N SER B 372 7.81 14.44 -1.85
CA SER B 372 7.93 14.58 -3.31
C SER B 372 7.80 16.03 -3.73
N PHE B 373 6.90 16.77 -3.07
CA PHE B 373 6.72 18.20 -3.36
C PHE B 373 7.98 18.99 -3.06
N GLY B 374 8.70 18.64 -1.99
CA GLY B 374 9.97 19.29 -1.73
C GLY B 374 10.97 19.07 -2.86
N ILE B 375 11.07 17.82 -3.33
CA ILE B 375 11.94 17.57 -4.48
C ILE B 375 11.49 18.39 -5.70
N LEU B 376 10.18 18.46 -5.92
CA LEU B 376 9.66 19.24 -7.05
C LEU B 376 9.99 20.73 -6.90
N LEU B 377 10.02 21.23 -5.66
CA LEU B 377 10.46 22.60 -5.43
C LEU B 377 11.90 22.78 -5.91
N THR B 378 12.76 21.81 -5.64
CA THR B 378 14.13 21.92 -6.16
C THR B 378 14.15 21.92 -7.68
N GLU B 379 13.28 21.13 -8.31
CA GLU B 379 13.20 21.18 -9.78
C GLU B 379 12.75 22.56 -10.26
N LEU B 380 11.83 23.17 -9.53
CA LEU B 380 11.29 24.47 -9.93
C LEU B 380 12.33 25.57 -9.80
N ILE B 381 12.99 25.63 -8.64
CA ILE B 381 13.92 26.73 -8.35
C ILE B 381 15.17 26.66 -9.23
N THR B 382 15.54 25.47 -9.70
CA THR B 382 16.69 25.32 -10.58
C THR B 382 16.31 25.35 -12.05
N LYS B 383 15.02 25.51 -12.35
CA LYS B 383 14.51 25.52 -13.71
C LYS B 383 14.87 24.25 -14.47
N GLY B 384 14.65 23.10 -13.82
CA GLY B 384 14.69 21.83 -14.52
C GLY B 384 15.89 20.97 -14.26
N ARG B 385 16.73 21.31 -13.29
CA ARG B 385 17.87 20.48 -12.95
C ARG B 385 17.40 19.17 -12.29
N ILE B 386 18.14 18.09 -12.54
CA ILE B 386 17.81 16.76 -12.02
C ILE B 386 18.10 16.75 -10.53
N PRO B 387 17.25 16.14 -9.71
CA PRO B 387 17.55 16.05 -8.28
C PRO B 387 18.79 15.20 -8.04
N TYR B 388 19.51 15.52 -6.97
CA TYR B 388 20.74 14.83 -6.59
C TYR B 388 21.69 14.69 -7.79
N PRO B 389 22.09 15.80 -8.40
CA PRO B 389 22.87 15.74 -9.64
C PRO B 389 24.17 14.96 -9.43
N GLY B 390 24.39 13.99 -10.30
CA GLY B 390 25.58 13.16 -10.23
C GLY B 390 25.44 11.91 -9.39
N MET B 391 24.27 11.67 -8.79
CA MET B 391 24.01 10.48 -8.01
C MET B 391 22.95 9.64 -8.70
N ASN B 392 23.12 8.32 -8.64
CA ASN B 392 22.14 7.39 -9.19
C ASN B 392 21.07 7.08 -8.12
N LYS B 393 20.05 6.31 -8.52
CA LYS B 393 18.96 6.01 -7.60
C LYS B 393 19.46 5.29 -6.35
N ARG B 394 20.37 4.33 -6.52
N ARG B 394 20.36 4.33 -6.54
CA ARG B 394 20.87 3.55 -5.39
CA ARG B 394 20.89 3.54 -5.43
C ARG B 394 21.57 4.43 -4.38
C ARG B 394 21.57 4.42 -4.39
N GLU B 395 22.53 5.24 -4.83
CA GLU B 395 23.27 6.11 -3.92
C GLU B 395 22.32 7.07 -3.21
N VAL B 396 21.39 7.65 -3.96
CA VAL B 396 20.42 8.56 -3.38
C VAL B 396 19.70 7.89 -2.22
N LEU B 397 19.13 6.71 -2.47
CA LEU B 397 18.34 6.06 -1.44
C LEU B 397 19.20 5.65 -0.25
N GLU B 398 20.44 5.24 -0.51
CA GLU B 398 21.34 4.85 0.56
C GLU B 398 21.65 6.03 1.48
N GLN B 399 21.88 7.22 0.91
CA GLN B 399 22.15 8.37 1.76
C GLN B 399 20.89 8.94 2.40
N VAL B 400 19.75 8.90 1.70
CA VAL B 400 18.51 9.45 2.24
C VAL B 400 18.03 8.64 3.43
N GLU B 401 18.21 7.30 3.41
CA GLU B 401 17.86 6.54 4.60
C GLU B 401 18.69 6.99 5.80
N GLN B 402 19.91 7.43 5.57
CA GLN B 402 20.81 7.90 6.62
C GLN B 402 20.59 9.36 6.99
N GLY B 403 19.57 10.03 6.46
CA GLY B 403 19.26 11.39 6.83
C GLY B 403 19.81 12.47 5.91
N TYR B 404 20.44 12.10 4.81
CA TYR B 404 20.96 13.10 3.88
C TYR B 404 19.84 13.61 2.99
N HIS B 405 19.87 14.92 2.72
CA HIS B 405 19.00 15.51 1.73
C HIS B 405 19.78 16.56 0.95
N MET B 406 19.19 17.02 -0.14
CA MET B 406 19.91 17.90 -1.06
C MET B 406 20.31 19.19 -0.35
N PRO B 407 21.51 19.70 -0.61
CA PRO B 407 21.86 21.03 -0.11
C PRO B 407 21.06 22.08 -0.85
N CYS B 408 21.12 23.30 -0.35
CA CYS B 408 20.37 24.39 -0.96
C CYS B 408 20.80 24.57 -2.42
N PRO B 409 19.88 24.44 -3.37
CA PRO B 409 20.25 24.55 -4.79
C PRO B 409 20.74 25.95 -5.13
N PRO B 410 21.48 26.11 -6.22
CA PRO B 410 21.92 27.45 -6.63
C PRO B 410 20.73 28.35 -6.85
N GLY B 411 20.85 29.58 -6.38
CA GLY B 411 19.79 30.55 -6.56
C GLY B 411 18.62 30.41 -5.61
N CYS B 412 18.61 29.40 -4.77
CA CYS B 412 17.48 29.17 -3.88
C CYS B 412 17.61 30.00 -2.60
N PRO B 413 16.56 30.70 -2.19
CA PRO B 413 16.66 31.53 -0.97
C PRO B 413 16.50 30.70 0.29
N ALA B 414 16.88 31.32 1.42
CA ALA B 414 16.95 30.63 2.70
C ALA B 414 15.60 30.13 3.16
N SER B 415 14.54 30.94 3.00
CA SER B 415 13.24 30.58 3.56
C SER B 415 12.61 29.44 2.78
N LEU B 416 12.64 29.52 1.44
CA LEU B 416 12.19 28.40 0.62
C LEU B 416 12.97 27.13 0.96
N TYR B 417 14.28 27.25 1.19
CA TYR B 417 15.06 26.06 1.52
C TYR B 417 14.68 25.49 2.88
N GLU B 418 14.33 26.35 3.84
CA GLU B 418 13.83 25.84 5.12
C GLU B 418 12.53 25.08 4.93
N ALA B 419 11.64 25.60 4.08
CA ALA B 419 10.43 24.86 3.73
C ALA B 419 10.79 23.49 3.16
N MET B 420 11.75 23.46 2.21
CA MET B 420 12.19 22.19 1.64
C MET B 420 12.66 21.23 2.72
N GLU B 421 13.54 21.69 3.60
CA GLU B 421 14.06 20.84 4.67
C GLU B 421 12.93 20.34 5.57
N GLN B 422 11.92 21.17 5.81
CA GLN B 422 10.79 20.72 6.60
C GLN B 422 10.00 19.64 5.87
N THR B 423 9.94 19.69 4.53
CA THR B 423 9.31 18.59 3.83
C THR B 423 10.18 17.33 3.83
N TRP B 424 11.48 17.44 4.11
CA TRP B 424 12.39 16.29 4.07
C TRP B 424 12.69 15.74 5.46
N ARG B 425 11.89 16.09 6.46
CA ARG B 425 12.04 15.47 7.77
C ARG B 425 11.85 13.96 7.65
N LEU B 426 12.65 13.20 8.39
CA LEU B 426 12.57 11.75 8.29
C LEU B 426 11.27 11.23 8.91
N ASP B 427 10.83 11.85 9.99
CA ASP B 427 9.53 11.53 10.59
C ASP B 427 8.42 12.15 9.76
N PRO B 428 7.61 11.34 9.08
CA PRO B 428 6.59 11.90 8.16
C PRO B 428 5.59 12.80 8.85
N GLU B 429 5.26 12.53 10.12
CA GLU B 429 4.29 13.36 10.82
C GLU B 429 4.86 14.72 11.21
N GLU B 430 6.19 14.88 11.18
CA GLU B 430 6.81 16.19 11.37
C GLU B 430 6.81 17.03 10.10
N ARG B 431 6.54 16.43 8.94
CA ARG B 431 6.47 17.19 7.70
C ARG B 431 5.22 18.06 7.70
N PRO B 432 5.29 19.26 7.11
CA PRO B 432 4.14 20.15 7.12
C PRO B 432 3.02 19.62 6.22
N THR B 433 1.83 20.19 6.43
CA THR B 433 0.68 19.89 5.60
C THR B 433 0.72 20.72 4.33
N PHE B 434 0.00 20.24 3.31
CA PHE B 434 -0.11 21.01 2.09
C PHE B 434 -0.94 22.28 2.29
N GLU B 435 -1.81 22.32 3.29
CA GLU B 435 -2.51 23.55 3.60
C GLU B 435 -1.53 24.62 4.09
N TYR B 436 -0.67 24.24 5.04
CA TYR B 436 0.38 25.15 5.47
C TYR B 436 1.29 25.57 4.32
N LEU B 437 1.67 24.62 3.45
CA LEU B 437 2.57 24.94 2.34
C LEU B 437 1.92 25.88 1.33
N GLN B 438 0.63 25.69 1.08
CA GLN B 438 -0.11 26.63 0.25
C GLN B 438 -0.09 28.01 0.85
N SER B 439 -0.42 28.12 2.15
CA SER B 439 -0.42 29.43 2.79
C SER B 439 0.97 30.07 2.78
N PHE B 440 2.00 29.25 2.95
CA PHE B 440 3.37 29.77 3.04
C PHE B 440 3.86 30.28 1.70
N LEU B 441 3.54 29.56 0.62
CA LEU B 441 3.97 30.00 -0.71
C LEU B 441 3.11 31.16 -1.22
N GLU B 442 1.80 31.16 -0.95
CA GLU B 442 0.95 32.27 -1.36
C GLU B 442 1.38 33.58 -0.71
N ASP B 443 1.80 33.53 0.57
CA ASP B 443 2.20 34.71 1.31
C ASP B 443 3.70 34.95 1.30
N TYR B 444 4.43 34.28 0.41
CA TYR B 444 5.90 34.33 0.45
C TYR B 444 6.41 35.77 0.29
N PHE B 445 5.76 36.56 -0.55
CA PHE B 445 6.16 37.95 -0.78
C PHE B 445 5.19 38.97 -0.22
N THR B 446 4.03 38.55 0.28
CA THR B 446 2.99 39.47 0.72
C THR B 446 2.74 39.40 2.21
N SER B 447 3.72 38.93 2.99
CA SER B 447 3.54 38.87 4.44
C SER B 447 3.46 40.26 5.07
N ALA B 448 4.15 41.25 4.49
CA ALA B 448 4.22 42.57 5.08
C ALA B 448 3.49 43.61 4.23
N GLU B 449 2.19 43.43 4.04
CA GLU B 449 1.33 44.34 3.31
C GLU B 449 -0.04 44.36 3.95
N PRO B 450 -0.76 45.48 3.90
CA PRO B 450 -2.17 45.49 4.34
C PRO B 450 -3.06 44.83 3.30
N GLN B 451 -3.96 43.97 3.77
CA GLN B 451 -4.84 43.20 2.90
C GLN B 451 -5.66 44.06 1.94
N PTR B 452 -6.32 45.09 2.47
CA PTR B 452 -7.16 45.94 1.65
C PTR B 452 -6.76 47.41 1.72
O PTR B 452 -6.35 47.90 2.77
CB PTR B 452 -8.62 45.82 2.10
CG PTR B 452 -9.26 44.47 1.83
CD1 PTR B 452 -9.82 44.18 0.60
CD2 PTR B 452 -9.34 43.51 2.84
CE1 PTR B 452 -10.44 42.96 0.35
CE2 PTR B 452 -9.95 42.28 2.61
CZ PTR B 452 -10.50 42.01 1.37
OH PTR B 452 -11.09 40.87 1.15
P PTR B 452 -10.39 39.54 0.63
O1P PTR B 452 -11.44 38.57 0.07
O2P PTR B 452 -9.70 38.96 1.81
O3P PTR B 452 -9.39 39.90 -0.49
N GLU B 453 -6.93 48.11 0.60
CA GLU B 453 -6.61 49.56 0.53
C GLU B 453 -7.73 50.36 1.20
N GLU B 454 -7.50 51.64 1.47
CA GLU B 454 -8.51 52.50 2.14
C GLU B 454 -8.66 53.82 1.35
N ILE B 455 -9.90 54.31 1.22
CA ILE B 455 -10.18 55.58 0.49
C ILE B 455 -10.57 56.65 1.50
N PRO B 456 -9.92 57.84 1.49
CA PRO B 456 -10.26 58.91 2.44
C PRO B 456 -11.76 59.22 2.44
C1 GOL C . 2.43 -17.93 -5.77
O1 GOL C . 1.35 -18.78 -6.12
C2 GOL C . 1.81 -16.60 -5.21
O2 GOL C . 0.54 -16.79 -4.70
C3 GOL C . 2.85 -16.10 -4.14
O3 GOL C . 2.28 -15.02 -3.44
C1 GOL D . 1.81 -28.21 6.88
O1 GOL D . 2.15 -28.96 5.75
C2 GOL D . 1.73 -29.13 8.13
O2 GOL D . 1.06 -30.32 7.85
C3 GOL D . 0.98 -28.29 9.26
O3 GOL D . 1.74 -27.18 9.64
NAK VSE E . -3.72 -18.84 5.10
C6 VSE E . -3.68 -17.41 5.28
C5 VSE E . -3.15 -16.54 4.32
CAI VSE E . -2.54 -16.63 3.03
CAJ VSE E . -2.32 -17.80 2.22
CAL VSE E . -3.37 -18.70 2.03
CAM VSE E . -3.19 -19.84 1.23
CAN VSE E . -1.95 -20.06 0.58
OBD VSE E . -1.86 -21.23 -0.27
CBE VSE E . -0.71 -22.04 -0.24
CBF VSE E . -0.14 -22.47 0.97
CBG VSE E . 0.97 -23.30 0.95
CBH VSE E . 1.51 -23.71 -0.27
CBI VSE E . 0.94 -23.29 -1.48
CBJ VSE E . -0.17 -22.47 -1.46
CAO VSE E . -0.90 -19.14 0.72
CAP VSE E . -1.09 -18.00 1.56
CAH VSE E . -2.26 -15.33 2.63
NAG VSE E . -2.66 -14.49 3.59
C4 VSE E . -3.18 -15.17 4.62
N3 VSE E . -3.70 -14.76 5.81
C2 VSE E . -4.17 -15.61 6.67
N1 VSE E . -4.17 -16.94 6.42
CAQ VSE E . -2.48 -12.99 3.59
CAV VSE E . -1.07 -12.46 3.79
CAU VSE E . -0.94 -10.96 3.49
CAT VSE E . -1.45 -10.64 2.08
CAS VSE E . -2.89 -11.16 1.86
CAR VSE E . -3.03 -12.67 2.18
NAW VSE E . -1.54 -9.39 1.70
CAX VSE E . -0.24 -8.89 1.62
CAY VSE E . -0.15 -7.39 1.36
NAZ VSE E . -0.91 -6.68 2.26
CBC VSE E . -0.88 -5.42 2.01
CBA VSE E . -2.20 -7.14 2.31
CBB VSE E . -2.29 -8.66 2.57
CL CL F . -9.03 -27.45 12.00
C1 GOL G . 26.92 14.50 -5.49
O1 GOL G . 27.92 13.95 -4.68
C2 GOL G . 26.00 15.38 -4.58
O2 GOL G . 26.70 16.46 -4.07
C3 GOL G . 24.82 15.81 -5.50
O3 GOL G . 23.72 16.14 -4.68
NAK VSE H . -3.31 16.83 -20.95
C6 VSE H . -2.10 17.12 -21.65
C5 VSE H . -0.99 16.27 -21.54
CAI VSE H . -0.68 15.08 -20.82
CAJ VSE H . -1.52 14.26 -19.99
CAL VSE H . -1.17 13.84 -18.69
CAM VSE H . -2.06 12.99 -17.96
CAN VSE H . -3.26 12.56 -18.56
OBD VSE H . -4.21 11.67 -17.93
CBE VSE H . -4.46 11.79 -16.56
CBF VSE H . -4.78 13.01 -15.97
CBG VSE H . -5.05 13.06 -14.61
CBH VSE H . -5.02 11.90 -13.84
CBI VSE H . -4.71 10.67 -14.45
CBJ VSE H . -4.44 10.61 -15.80
CAO VSE H . -3.57 12.96 -19.86
CAP VSE H . -2.69 13.80 -20.57
CAH VSE H . 0.63 14.75 -21.17
NAG VSE H . 1.12 15.68 -21.98
C4 VSE H . 0.17 16.62 -22.24
N3 VSE H . 0.17 17.75 -23.01
C2 VSE H . -0.89 18.51 -23.09
N1 VSE H . -2.03 18.22 -22.41
CAQ VSE H . 2.52 15.65 -22.58
CAV VSE H . 2.97 14.31 -23.20
CAU VSE H . 4.38 13.91 -22.74
CAT VSE H . 5.24 15.17 -22.87
CAS VSE H . 4.93 16.09 -21.67
CAR VSE H . 3.39 16.15 -21.40
NAW VSE H . 6.56 15.10 -22.95
CAX VSE H . 7.33 15.01 -21.80
CAY VSE H . 8.81 14.75 -22.11
NAZ VSE H . 9.26 15.54 -23.14
CBC VSE H . 10.52 15.35 -23.40
CBA VSE H . 8.52 15.43 -24.28
CBB VSE H . 7.05 15.82 -23.99
CL CL I . 14.61 8.64 -9.95
CL CL J . -16.94 34.27 3.77
CL CL K . -14.34 22.17 -22.54
P PO4 L . -14.88 32.99 -2.13
O1 PO4 L . -14.90 32.47 -0.71
O2 PO4 L . -16.24 32.85 -2.74
O3 PO4 L . -13.87 32.20 -2.95
O4 PO4 L . -14.46 34.45 -2.11
P PO4 M . -25.76 43.56 -5.65
O1 PO4 M . -25.41 42.44 -6.60
O2 PO4 M . -27.27 43.69 -5.56
O3 PO4 M . -25.20 43.25 -4.28
O4 PO4 M . -25.18 44.85 -6.15
#